data_2VHT
#
_entry.id   2VHT
#
_cell.length_a   104.870
_cell.length_b   130.947
_cell.length_c   158.672
_cell.angle_alpha   90.00
_cell.angle_beta   90.00
_cell.angle_gamma   90.00
#
_symmetry.space_group_name_H-M   'I 2 2 2'
#
loop_
_entity.id
_entity.type
_entity.pdbx_description
1 polymer 'NTPASE P4'
2 non-polymer "ADENOSINE-5'-TRIPHOSPHATE"
3 water water
#
_entity_poly.entity_id   1
_entity_poly.type   'polypeptide(L)'
_entity_poly.pdbx_seq_one_letter_code
;MIHLYDAKSFAKLRAAQYAAFHTDAPGSWFDHTSGVLESVEDGTPVLAIGVESGDAIVFDKNAQRIVAYKEKSVKAEDGS
VSVVQVENGFMKQGHRGWLVDLTGELVGCSPVVAEFGGHRYASGMVIVTGKGNSGKTPLVHALGEALGGKDKYATVRFGE
PLSGYNTDFNVFVDDIARAMLQHRVIVIDSLKNVIGAAGGNTTSGGISRGAFDLLSDIGAMAASRGCVVIASLNPTSNDD
KIVELVKEASRSNSTSLVISTDVDGEWQVLTRTGEGLQALTHTLQTSYGEHSVLTIHTSKQSGGKQASGKAIQTVIKNDE
LESVLRRLTSN
;
_entity_poly.pdbx_strand_id   A,B,C
#
# COMPACT_ATOMS: atom_id res chain seq x y z
N MET A 1 -12.00 -2.72 -17.42
CA MET A 1 -12.55 -3.86 -16.67
C MET A 1 -11.49 -4.96 -16.50
N ILE A 2 -11.71 -5.90 -15.60
CA ILE A 2 -10.78 -7.02 -15.42
C ILE A 2 -10.93 -8.05 -16.53
N HIS A 3 -9.83 -8.72 -16.86
CA HIS A 3 -9.83 -9.75 -17.90
C HIS A 3 -9.29 -11.07 -17.38
N LEU A 4 -9.86 -12.16 -17.84
CA LEU A 4 -9.49 -13.51 -17.40
C LEU A 4 -8.78 -14.26 -18.51
N TYR A 5 -7.70 -14.94 -18.16
CA TYR A 5 -6.89 -15.66 -19.16
C TYR A 5 -6.50 -17.07 -18.72
N ASP A 6 -6.28 -17.91 -19.72
CA ASP A 6 -5.53 -19.16 -19.56
C ASP A 6 -4.39 -19.12 -20.56
N ALA A 7 -3.58 -20.17 -20.59
CA ALA A 7 -2.46 -20.27 -21.52
C ALA A 7 -2.88 -19.92 -22.96
N LYS A 8 -3.94 -20.56 -23.42
CA LYS A 8 -4.39 -20.39 -24.80
C LYS A 8 -4.87 -18.98 -25.09
N SER A 9 -5.81 -18.46 -24.29
CA SER A 9 -6.39 -17.14 -24.53
C SER A 9 -5.36 -16.01 -24.33
N PHE A 10 -4.43 -16.20 -23.39
CA PHE A 10 -3.31 -15.27 -23.23
C PHE A 10 -2.43 -15.25 -24.46
N ALA A 11 -2.09 -16.43 -24.97
CA ALA A 11 -1.22 -16.58 -26.13
C ALA A 11 -1.73 -15.80 -27.34
N LYS A 12 -3.06 -15.74 -27.50
CA LYS A 12 -3.62 -15.05 -28.64
C LYS A 12 -3.84 -13.56 -28.41
N LEU A 13 -3.88 -13.13 -27.15
CA LEU A 13 -3.81 -11.71 -26.84
C LEU A 13 -2.46 -11.14 -27.30
N ARG A 14 -1.37 -11.79 -26.87
CA ARG A 14 -0.03 -11.41 -27.31
C ARG A 14 0.09 -11.40 -28.84
N ALA A 15 -0.39 -12.48 -29.46
CA ALA A 15 -0.49 -12.55 -30.91
C ALA A 15 -1.20 -11.31 -31.50
N ALA A 16 -2.31 -10.89 -30.88
CA ALA A 16 -3.09 -9.74 -31.33
C ALA A 16 -2.39 -8.42 -31.04
N GLN A 17 -1.77 -8.34 -29.86
CA GLN A 17 -1.03 -7.14 -29.45
C GLN A 17 0.17 -6.87 -30.36
N TYR A 18 0.89 -7.95 -30.71
CA TYR A 18 2.01 -7.85 -31.62
C TYR A 18 1.56 -7.30 -32.99
N ALA A 19 0.48 -7.89 -33.51
CA ALA A 19 -0.17 -7.47 -34.75
C ALA A 19 -0.59 -6.00 -34.76
N ALA A 20 -1.06 -5.52 -33.61
CA ALA A 20 -1.53 -4.14 -33.45
C ALA A 20 -0.46 -3.09 -33.78
N PHE A 21 0.80 -3.43 -33.53
CA PHE A 21 1.94 -2.56 -33.86
C PHE A 21 2.70 -2.96 -35.12
N HIS A 22 2.99 -4.26 -35.25
CA HIS A 22 3.87 -4.73 -36.31
C HIS A 22 3.22 -4.89 -37.68
N THR A 23 1.95 -5.31 -37.73
CA THR A 23 1.31 -5.68 -39.01
C THR A 23 0.08 -4.87 -39.43
N ASP A 24 -0.72 -4.39 -38.47
CA ASP A 24 -1.93 -3.62 -38.80
C ASP A 24 -1.59 -2.39 -39.64
N ALA A 25 -2.54 -1.97 -40.48
CA ALA A 25 -2.33 -0.81 -41.32
C ALA A 25 -2.09 0.41 -40.44
N PRO A 26 -1.03 1.20 -40.72
CA PRO A 26 -0.77 2.39 -39.93
C PRO A 26 -1.96 3.34 -39.91
N GLY A 27 -2.35 3.76 -38.71
CA GLY A 27 -3.44 4.72 -38.52
C GLY A 27 -4.82 4.09 -38.49
N SER A 28 -4.86 2.77 -38.63
CA SER A 28 -6.13 2.08 -38.79
C SER A 28 -6.90 1.96 -37.49
N TRP A 29 -6.20 1.90 -36.36
CA TRP A 29 -6.89 1.84 -35.07
C TRP A 29 -7.60 3.17 -34.77
N PHE A 30 -6.95 4.29 -35.06
CA PHE A 30 -7.58 5.61 -34.92
C PHE A 30 -8.89 5.71 -35.71
N ASP A 31 -8.87 5.16 -36.91
CA ASP A 31 -10.03 5.12 -37.78
C ASP A 31 -11.17 4.32 -37.16
N HIS A 32 -10.82 3.19 -36.56
CA HIS A 32 -11.78 2.31 -35.94
C HIS A 32 -12.45 2.97 -34.74
N THR A 33 -11.68 3.71 -33.97
CA THR A 33 -12.20 4.35 -32.75
C THR A 33 -12.98 5.63 -33.05
N SER A 34 -12.72 6.26 -34.19
CA SER A 34 -13.54 7.37 -34.65
C SER A 34 -14.95 6.88 -34.95
N GLY A 35 -15.04 5.67 -35.54
CA GLY A 35 -16.32 5.04 -35.83
C GLY A 35 -17.10 4.70 -34.59
N VAL A 36 -16.38 4.31 -33.53
CA VAL A 36 -16.98 3.95 -32.24
C VAL A 36 -17.45 5.19 -31.52
N LEU A 37 -16.72 6.29 -31.71
CA LEU A 37 -17.13 7.57 -31.14
C LEU A 37 -18.32 8.15 -31.89
N GLU A 38 -18.38 7.96 -33.20
CA GLU A 38 -19.48 8.45 -34.01
C GLU A 38 -20.79 7.72 -33.78
N SER A 39 -20.71 6.51 -33.23
CA SER A 39 -21.88 5.70 -32.94
C SER A 39 -22.36 5.88 -31.51
N VAL A 40 -21.90 6.93 -30.86
CA VAL A 40 -22.39 7.31 -29.55
C VAL A 40 -23.44 8.40 -29.72
N GLU A 41 -24.55 8.24 -29.00
CA GLU A 41 -25.65 9.22 -29.03
C GLU A 41 -25.14 10.58 -28.57
N ASP A 42 -25.55 11.64 -29.26
CA ASP A 42 -25.15 13.00 -28.91
C ASP A 42 -25.45 13.27 -27.43
N GLY A 43 -24.59 14.06 -26.79
CA GLY A 43 -24.78 14.40 -25.38
C GLY A 43 -24.15 13.44 -24.41
N THR A 44 -24.08 12.17 -24.77
CA THR A 44 -23.43 11.14 -23.95
C THR A 44 -21.94 11.46 -23.77
N PRO A 45 -21.48 11.49 -22.50
CA PRO A 45 -20.07 11.69 -22.12
C PRO A 45 -19.16 10.60 -22.65
N VAL A 46 -18.06 11.00 -23.28
CA VAL A 46 -17.11 10.04 -23.85
C VAL A 46 -15.72 10.17 -23.24
N LEU A 47 -15.38 11.35 -22.74
CA LEU A 47 -14.05 11.61 -22.20
C LEU A 47 -14.10 12.54 -21.00
N ALA A 48 -13.39 12.16 -19.93
CA ALA A 48 -13.29 12.99 -18.73
C ALA A 48 -11.83 13.22 -18.41
N ILE A 49 -11.48 14.48 -18.18
CA ILE A 49 -10.08 14.83 -17.89
C ILE A 49 -9.95 15.77 -16.69
N GLY A 50 -8.87 15.62 -15.95
CA GLY A 50 -8.66 16.36 -14.71
C GLY A 50 -8.25 17.81 -14.89
N VAL A 51 -8.99 18.72 -14.26
CA VAL A 51 -8.61 20.11 -14.20
C VAL A 51 -7.66 20.33 -13.01
N GLU A 52 -7.22 21.58 -12.82
CA GLU A 52 -6.18 21.93 -11.87
C GLU A 52 -6.45 21.44 -10.44
N SER A 53 -7.71 21.55 -10.00
CA SER A 53 -8.08 21.14 -8.64
C SER A 53 -8.05 19.63 -8.40
N GLY A 54 -8.27 18.86 -9.47
CA GLY A 54 -8.45 17.42 -9.36
C GLY A 54 -9.87 17.01 -9.73
N ASP A 55 -10.77 17.98 -9.75
CA ASP A 55 -12.09 17.80 -10.37
C ASP A 55 -11.90 17.45 -11.84
N ALA A 56 -12.91 16.81 -12.43
CA ALA A 56 -12.81 16.41 -13.83
C ALA A 56 -13.80 17.18 -14.71
N ILE A 57 -13.37 17.55 -15.90
CA ILE A 57 -14.32 18.07 -16.90
C ILE A 57 -14.61 16.99 -17.94
N VAL A 58 -15.80 17.06 -18.53
CA VAL A 58 -16.30 15.99 -19.39
C VAL A 58 -16.77 16.49 -20.77
N PHE A 59 -16.59 15.65 -21.79
CA PHE A 59 -16.86 16.04 -23.17
C PHE A 59 -17.73 15.02 -23.88
N ASP A 60 -18.43 15.47 -24.92
CA ASP A 60 -19.15 14.58 -25.84
C ASP A 60 -18.29 14.25 -27.07
N LYS A 61 -18.86 13.51 -28.03
CA LYS A 61 -18.13 13.09 -29.23
C LYS A 61 -17.67 14.26 -30.10
N ASN A 62 -18.34 15.41 -29.98
CA ASN A 62 -17.98 16.58 -30.77
C ASN A 62 -17.07 17.56 -30.02
N ALA A 63 -16.46 17.08 -28.95
CA ALA A 63 -15.59 17.90 -28.10
C ALA A 63 -16.31 19.10 -27.46
N GLN A 64 -17.61 18.95 -27.21
CA GLN A 64 -18.40 19.94 -26.48
C GLN A 64 -18.41 19.61 -25.00
N ARG A 65 -18.12 20.60 -24.16
CA ARG A 65 -18.09 20.40 -22.73
C ARG A 65 -19.52 20.21 -22.22
N ILE A 66 -19.71 19.18 -21.39
CA ILE A 66 -21.01 18.88 -20.80
C ILE A 66 -21.20 19.60 -19.46
N VAL A 67 -22.35 20.23 -19.28
CA VAL A 67 -22.63 21.03 -18.09
C VAL A 67 -23.56 20.33 -17.10
N ALA A 68 -24.52 19.56 -17.62
CA ALA A 68 -25.48 18.84 -16.80
C ALA A 68 -25.87 17.53 -17.47
N TYR A 69 -25.74 16.43 -16.74
CA TYR A 69 -26.05 15.11 -17.26
C TYR A 69 -26.54 14.21 -16.14
N LYS A 70 -27.79 13.79 -16.24
CA LYS A 70 -28.42 12.99 -15.19
C LYS A 70 -27.82 11.61 -15.12
N GLU A 71 -27.73 11.07 -13.90
CA GLU A 71 -27.07 9.79 -13.64
C GLU A 71 -27.53 8.67 -14.59
N LYS A 72 -26.57 8.11 -15.32
CA LYS A 72 -26.82 6.99 -16.21
C LYS A 72 -25.83 5.87 -15.85
N SER A 73 -26.30 4.63 -15.86
CA SER A 73 -25.45 3.51 -15.50
C SER A 73 -25.54 2.36 -16.49
N VAL A 74 -24.37 1.90 -16.94
CA VAL A 74 -24.30 0.76 -17.85
C VAL A 74 -23.86 -0.46 -17.05
N LYS A 75 -24.15 -1.65 -17.59
CA LYS A 75 -23.64 -2.90 -17.03
C LYS A 75 -22.60 -3.49 -17.98
N ALA A 76 -21.32 -3.42 -17.56
CA ALA A 76 -20.20 -3.95 -18.35
C ALA A 76 -20.21 -5.48 -18.35
N GLU A 77 -19.29 -6.07 -19.12
CA GLU A 77 -19.30 -7.52 -19.38
C GLU A 77 -19.01 -8.37 -18.12
N ASP A 78 -18.18 -7.85 -17.23
CA ASP A 78 -17.77 -8.56 -16.01
C ASP A 78 -18.71 -8.31 -14.81
N GLY A 79 -19.89 -7.75 -15.10
CA GLY A 79 -20.87 -7.41 -14.07
C GLY A 79 -20.73 -5.99 -13.54
N SER A 80 -19.55 -5.38 -13.74
CA SER A 80 -19.23 -4.05 -13.21
C SER A 80 -20.15 -2.97 -13.75
N VAL A 81 -20.54 -2.05 -12.87
CA VAL A 81 -21.45 -0.97 -13.25
C VAL A 81 -20.68 0.34 -13.37
N SER A 82 -20.70 0.91 -14.57
CA SER A 82 -20.11 2.23 -14.81
C SER A 82 -21.17 3.31 -14.67
N VAL A 83 -20.92 4.27 -13.77
CA VAL A 83 -21.85 5.34 -13.44
C VAL A 83 -21.29 6.66 -13.93
N VAL A 84 -22.05 7.40 -14.72
CA VAL A 84 -21.60 8.71 -15.22
C VAL A 84 -22.60 9.81 -14.87
N GLN A 85 -22.10 10.94 -14.39
CA GLN A 85 -22.93 12.06 -13.97
C GLN A 85 -22.16 13.38 -14.01
N VAL A 86 -22.71 14.36 -14.71
CA VAL A 86 -22.14 15.71 -14.76
C VAL A 86 -23.12 16.68 -14.11
N GLU A 87 -22.62 17.52 -13.21
CA GLU A 87 -23.44 18.51 -12.52
C GLU A 87 -22.69 19.82 -12.39
N ASN A 88 -23.36 20.91 -12.75
CA ASN A 88 -22.79 22.26 -12.77
C ASN A 88 -21.39 22.32 -13.41
N GLY A 89 -21.26 21.66 -14.56
CA GLY A 89 -20.04 21.75 -15.37
C GLY A 89 -18.89 20.83 -14.96
N PHE A 90 -19.09 20.05 -13.91
CA PHE A 90 -18.07 19.11 -13.43
C PHE A 90 -18.63 17.71 -13.25
N MET A 91 -17.76 16.71 -13.32
CA MET A 91 -18.13 15.32 -13.09
C MET A 91 -18.48 15.12 -11.61
N LYS A 92 -19.58 14.41 -11.35
CA LYS A 92 -20.00 14.11 -9.97
C LYS A 92 -19.79 12.62 -9.65
N GLN A 93 -20.01 11.77 -10.64
CA GLN A 93 -19.70 10.35 -10.54
C GLN A 93 -18.97 9.86 -11.79
N GLY A 94 -17.94 9.03 -11.61
CA GLY A 94 -17.24 8.44 -12.75
C GLY A 94 -15.73 8.33 -12.65
N HIS A 95 -15.07 8.33 -13.79
CA HIS A 95 -13.63 8.17 -13.81
C HIS A 95 -12.96 9.00 -14.90
N ARG A 96 -11.72 9.36 -14.66
CA ARG A 96 -10.90 10.03 -15.67
C ARG A 96 -10.52 9.04 -16.76
N GLY A 97 -10.53 9.51 -18.01
CA GLY A 97 -10.30 8.67 -19.17
C GLY A 97 -11.54 8.53 -20.04
N TRP A 98 -11.57 7.46 -20.85
CA TRP A 98 -12.66 7.25 -21.78
C TRP A 98 -13.88 6.64 -21.10
N LEU A 99 -14.97 7.38 -21.16
CA LEU A 99 -16.22 6.99 -20.53
C LEU A 99 -17.00 6.05 -21.43
N VAL A 100 -16.41 5.70 -22.57
CA VAL A 100 -16.94 4.68 -23.46
C VAL A 100 -15.85 3.67 -23.76
N ASP A 101 -16.24 2.46 -24.12
CA ASP A 101 -15.30 1.40 -24.39
C ASP A 101 -14.81 1.52 -25.82
N LEU A 102 -13.53 1.83 -25.98
CA LEU A 102 -12.91 1.90 -27.30
C LEU A 102 -12.19 0.60 -27.61
N THR A 103 -11.65 -0.02 -26.55
CA THR A 103 -10.70 -1.13 -26.71
C THR A 103 -11.33 -2.51 -26.60
N GLY A 104 -12.45 -2.59 -25.90
CA GLY A 104 -13.12 -3.86 -25.65
C GLY A 104 -12.15 -4.84 -25.02
N GLU A 105 -11.79 -5.87 -25.77
CA GLU A 105 -10.93 -6.93 -25.25
C GLU A 105 -9.49 -6.77 -25.70
N LEU A 106 -9.27 -5.85 -26.62
CA LEU A 106 -7.96 -5.61 -27.18
C LEU A 106 -7.26 -4.51 -26.37
N VAL A 107 -6.63 -4.94 -25.29
CA VAL A 107 -5.95 -4.01 -24.37
C VAL A 107 -4.45 -4.29 -24.29
N GLY A 108 -3.70 -3.27 -23.86
CA GLY A 108 -2.25 -3.39 -23.69
C GLY A 108 -1.49 -3.29 -25.00
N CYS A 109 -2.06 -2.55 -25.96
CA CYS A 109 -1.46 -2.39 -27.28
C CYS A 109 -0.76 -1.04 -27.40
N SER A 110 0.17 -0.97 -28.36
CA SER A 110 0.69 0.29 -28.86
C SER A 110 0.28 0.35 -30.31
N PRO A 111 -1.00 0.70 -30.59
CA PRO A 111 -1.46 0.70 -31.97
C PRO A 111 -0.61 1.62 -32.84
N VAL A 112 -0.06 1.09 -33.93
CA VAL A 112 0.75 1.88 -34.87
C VAL A 112 -0.01 3.11 -35.38
N VAL A 113 0.63 4.27 -35.29
CA VAL A 113 0.02 5.55 -35.65
C VAL A 113 0.39 5.99 -37.07
N ALA A 114 1.58 5.61 -37.52
CA ALA A 114 2.11 6.03 -38.81
C ALA A 114 3.42 5.28 -39.13
N GLU A 115 3.70 5.18 -40.42
CA GLU A 115 4.99 4.69 -40.90
C GLU A 115 5.67 5.85 -41.58
N PHE A 116 6.94 6.06 -41.25
CA PHE A 116 7.72 7.14 -41.85
C PHE A 116 9.20 6.77 -41.88
N GLY A 117 9.82 6.97 -43.05
CA GLY A 117 11.23 6.60 -43.26
C GLY A 117 11.48 5.12 -43.04
N GLY A 118 10.44 4.32 -43.31
CA GLY A 118 10.49 2.88 -43.15
C GLY A 118 10.45 2.42 -41.71
N HIS A 119 10.01 3.31 -40.82
CA HIS A 119 9.88 2.98 -39.40
C HIS A 119 8.45 3.15 -38.92
N ARG A 120 7.93 2.15 -38.23
CA ARG A 120 6.60 2.23 -37.63
C ARG A 120 6.63 3.04 -36.33
N TYR A 121 5.67 3.94 -36.16
CA TYR A 121 5.60 4.73 -34.94
C TYR A 121 4.34 4.39 -34.17
N ALA A 122 4.48 4.24 -32.86
CA ALA A 122 3.38 3.85 -31.99
C ALA A 122 2.60 5.07 -31.54
N SER A 123 1.29 4.88 -31.32
CA SER A 123 0.49 5.92 -30.70
C SER A 123 0.76 5.90 -29.18
N GLY A 124 0.18 6.87 -28.48
CA GLY A 124 0.46 7.04 -27.07
C GLY A 124 1.20 8.34 -26.86
N MET A 125 1.96 8.40 -25.78
CA MET A 125 2.70 9.60 -25.45
C MET A 125 4.15 9.43 -25.86
N VAL A 126 4.61 10.30 -26.75
CA VAL A 126 6.01 10.37 -27.13
C VAL A 126 6.60 11.58 -26.43
N ILE A 127 7.64 11.37 -25.62
CA ILE A 127 8.30 12.49 -24.95
C ILE A 127 9.62 12.85 -25.60
N VAL A 128 9.71 14.08 -26.08
CA VAL A 128 10.91 14.59 -26.73
C VAL A 128 11.72 15.33 -25.69
N THR A 129 12.82 14.74 -25.28
CA THR A 129 13.64 15.28 -24.19
C THR A 129 15.14 15.16 -24.49
N GLY A 130 15.95 15.62 -23.54
CA GLY A 130 17.39 15.55 -23.67
C GLY A 130 18.08 16.77 -23.11
N LYS A 131 19.39 16.82 -23.33
CA LYS A 131 20.24 17.87 -22.81
C LYS A 131 21.31 18.16 -23.86
N GLY A 132 21.55 19.44 -24.15
CA GLY A 132 22.64 19.82 -25.04
C GLY A 132 22.26 20.69 -26.22
N ASN A 133 23.07 20.61 -27.28
CA ASN A 133 22.99 21.51 -28.44
C ASN A 133 21.73 21.42 -29.32
N SER A 134 20.95 20.34 -29.16
CA SER A 134 19.79 20.08 -30.01
C SER A 134 18.49 20.70 -29.47
N GLY A 135 17.67 21.25 -30.36
CA GLY A 135 16.43 21.95 -29.99
C GLY A 135 15.17 21.13 -30.16
N LYS A 136 14.37 21.05 -29.10
CA LYS A 136 13.23 20.15 -29.03
C LYS A 136 12.02 20.59 -29.88
N THR A 137 11.69 21.87 -29.80
CA THR A 137 10.50 22.43 -30.48
C THR A 137 10.50 22.22 -31.99
N PRO A 138 11.64 22.51 -32.68
CA PRO A 138 11.67 22.20 -34.12
C PRO A 138 11.43 20.71 -34.41
N LEU A 139 11.81 19.83 -33.49
CA LEU A 139 11.64 18.40 -33.68
C LEU A 139 10.21 17.90 -33.52
N VAL A 140 9.50 18.37 -32.48
CA VAL A 140 8.09 17.98 -32.28
C VAL A 140 7.23 18.40 -33.46
N HIS A 141 7.53 19.57 -34.02
CA HIS A 141 6.83 20.04 -35.20
C HIS A 141 7.20 19.26 -36.46
N ALA A 142 8.47 18.92 -36.59
CA ALA A 142 8.92 18.16 -37.73
C ALA A 142 8.38 16.73 -37.68
N LEU A 143 8.39 16.16 -36.47
CA LEU A 143 7.92 14.80 -36.26
C LEU A 143 6.39 14.75 -36.32
N GLY A 144 5.74 15.82 -35.87
CA GLY A 144 4.30 15.99 -35.99
C GLY A 144 3.85 15.95 -37.44
N GLU A 145 4.52 16.75 -38.29
CA GLU A 145 4.25 16.77 -39.73
C GLU A 145 4.46 15.39 -40.37
N ALA A 146 5.59 14.77 -40.06
CA ALA A 146 5.97 13.50 -40.67
C ALA A 146 4.99 12.36 -40.36
N LEU A 147 4.55 12.29 -39.10
CA LEU A 147 3.54 11.31 -38.69
C LEU A 147 2.14 11.74 -39.14
N GLY A 148 1.97 13.03 -39.39
CA GLY A 148 0.73 13.54 -39.95
C GLY A 148 0.45 12.92 -41.31
N GLY A 149 1.51 12.76 -42.12
CA GLY A 149 1.41 12.24 -43.48
C GLY A 149 0.43 13.04 -44.34
N LYS A 150 -0.64 12.38 -44.76
CA LYS A 150 -1.69 13.05 -45.54
C LYS A 150 -2.50 14.04 -44.70
N ASP A 151 -2.47 13.88 -43.38
CA ASP A 151 -3.27 14.72 -42.47
C ASP A 151 -2.46 15.84 -41.84
N LYS A 152 -3.14 16.97 -41.60
CA LYS A 152 -2.63 18.04 -40.75
C LYS A 152 -2.49 17.55 -39.31
N TYR A 153 -1.61 18.18 -38.53
CA TYR A 153 -1.43 17.82 -37.13
C TYR A 153 -1.89 18.93 -36.21
N ALA A 154 -2.33 18.57 -35.01
CA ALA A 154 -2.82 19.55 -34.06
C ALA A 154 -1.69 20.02 -33.15
N THR A 155 -1.68 21.32 -32.85
CA THR A 155 -0.66 21.91 -32.03
C THR A 155 -1.29 22.58 -30.81
N VAL A 156 -1.11 21.94 -29.65
CA VAL A 156 -1.50 22.54 -28.37
C VAL A 156 -0.33 23.33 -27.83
N ARG A 157 -0.55 24.61 -27.56
CA ARG A 157 0.51 25.48 -27.02
C ARG A 157 0.28 25.86 -25.56
N PHE A 158 1.26 25.55 -24.70
CA PHE A 158 1.12 25.82 -23.29
C PHE A 158 2.42 26.18 -22.61
N GLY A 159 2.38 27.28 -21.87
CA GLY A 159 3.40 27.61 -20.87
C GLY A 159 4.75 28.02 -21.40
N GLU A 160 4.76 28.98 -22.31
CA GLU A 160 5.99 29.57 -22.83
C GLU A 160 5.77 31.07 -22.97
N PRO A 161 6.84 31.87 -22.74
CA PRO A 161 6.68 33.32 -22.73
C PRO A 161 6.69 33.90 -24.14
N LEU A 162 5.80 33.38 -25.00
CA LEU A 162 5.68 33.84 -26.38
C LEU A 162 4.23 34.23 -26.70
N SER A 163 4.05 35.05 -27.73
CA SER A 163 2.71 35.56 -28.06
C SER A 163 1.76 34.39 -28.35
N GLY A 164 0.52 34.53 -27.89
CA GLY A 164 -0.52 33.56 -28.16
C GLY A 164 -0.56 32.34 -27.24
N TYR A 165 0.55 32.06 -26.55
CA TYR A 165 0.61 30.89 -25.67
C TYR A 165 -0.31 31.03 -24.48
N ASN A 166 -1.11 29.99 -24.24
CA ASN A 166 -1.96 29.91 -23.05
C ASN A 166 -1.15 29.42 -21.87
N THR A 167 -1.44 29.97 -20.69
CA THR A 167 -0.71 29.61 -19.48
C THR A 167 -1.63 29.03 -18.40
N ASP A 168 -2.92 28.96 -18.70
CA ASP A 168 -3.92 28.38 -17.80
C ASP A 168 -4.03 26.88 -18.04
N PHE A 169 -3.82 26.10 -16.98
CA PHE A 169 -3.86 24.63 -17.06
C PHE A 169 -5.20 24.06 -17.47
N ASN A 170 -6.28 24.76 -17.12
CA ASN A 170 -7.63 24.28 -17.41
C ASN A 170 -8.00 24.47 -18.86
N VAL A 171 -7.49 25.55 -19.47
CA VAL A 171 -7.64 25.74 -20.91
C VAL A 171 -6.80 24.68 -21.61
N PHE A 172 -5.61 24.45 -21.07
CA PHE A 172 -4.71 23.41 -21.57
C PHE A 172 -5.38 22.03 -21.68
N VAL A 173 -6.01 21.55 -20.62
CA VAL A 173 -6.67 20.23 -20.69
C VAL A 173 -7.87 20.21 -21.64
N ASP A 174 -8.59 21.33 -21.70
CA ASP A 174 -9.66 21.52 -22.67
C ASP A 174 -9.13 21.42 -24.11
N ASP A 175 -7.88 21.83 -24.32
CA ASP A 175 -7.21 21.68 -25.61
C ASP A 175 -6.98 20.21 -25.93
N ILE A 176 -6.28 19.51 -25.02
CA ILE A 176 -5.91 18.11 -25.20
C ILE A 176 -7.12 17.23 -25.49
N ALA A 177 -8.20 17.46 -24.74
CA ALA A 177 -9.44 16.74 -24.98
C ALA A 177 -9.83 16.85 -26.45
N ARG A 178 -10.08 18.08 -26.90
CA ARG A 178 -10.48 18.34 -28.27
C ARG A 178 -9.55 17.65 -29.25
N ALA A 179 -8.24 17.82 -29.07
CA ALA A 179 -7.24 17.24 -29.96
C ALA A 179 -7.34 15.71 -30.09
N MET A 180 -7.41 15.01 -28.95
CA MET A 180 -7.52 13.54 -28.94
C MET A 180 -8.86 13.08 -29.51
N LEU A 181 -9.90 13.88 -29.31
CA LEU A 181 -11.23 13.56 -29.80
C LEU A 181 -11.36 13.75 -31.31
N GLN A 182 -10.45 14.52 -31.92
CA GLN A 182 -10.61 14.96 -33.30
C GLN A 182 -9.39 14.80 -34.22
N HIS A 183 -8.25 14.42 -33.67
CA HIS A 183 -7.03 14.36 -34.49
C HIS A 183 -6.10 13.21 -34.12
N ARG A 184 -5.48 12.62 -35.13
CA ARG A 184 -4.58 11.49 -34.93
C ARG A 184 -3.20 11.92 -34.45
N VAL A 185 -2.70 13.06 -34.93
CA VAL A 185 -1.40 13.58 -34.50
C VAL A 185 -1.54 14.90 -33.76
N ILE A 186 -1.11 14.90 -32.50
CA ILE A 186 -1.21 16.05 -31.61
C ILE A 186 0.19 16.43 -31.13
N VAL A 187 0.47 17.73 -31.09
CA VAL A 187 1.74 18.21 -30.55
C VAL A 187 1.46 19.11 -29.36
N ILE A 188 2.15 18.85 -28.25
CA ILE A 188 2.07 19.68 -27.06
C ILE A 188 3.40 20.38 -26.88
N ASP A 189 3.35 21.70 -26.86
CA ASP A 189 4.52 22.52 -26.69
C ASP A 189 4.19 23.65 -25.72
N SER A 190 4.69 23.58 -24.49
CA SER A 190 5.49 22.45 -24.03
C SER A 190 4.92 21.84 -22.76
N LEU A 191 5.48 20.69 -22.37
CA LEU A 191 5.03 19.94 -21.20
C LEU A 191 5.74 20.41 -19.93
N LYS A 192 6.67 21.35 -20.09
CA LYS A 192 7.54 21.85 -19.02
C LYS A 192 6.77 22.39 -17.81
N ASN A 193 5.79 23.26 -18.08
CA ASN A 193 5.07 23.92 -17.00
C ASN A 193 4.24 23.01 -16.11
N VAL A 194 3.78 21.88 -16.66
CA VAL A 194 3.01 20.93 -15.86
C VAL A 194 3.89 20.24 -14.81
N ILE A 195 5.18 20.13 -15.13
CA ILE A 195 6.17 19.54 -14.22
C ILE A 195 7.05 20.63 -13.60
N ILE A 207 3.95 21.07 -9.12
CA ILE A 207 3.04 20.03 -9.57
C ILE A 207 1.79 20.03 -8.70
N SER A 208 0.63 20.22 -9.34
CA SER A 208 -0.68 20.16 -8.68
C SER A 208 -1.34 18.79 -8.85
N ARG A 209 -2.57 18.65 -8.36
CA ARG A 209 -3.31 17.39 -8.48
C ARG A 209 -3.69 17.07 -9.93
N GLY A 210 -4.23 18.06 -10.64
CA GLY A 210 -4.64 17.90 -12.03
C GLY A 210 -3.47 17.73 -12.99
N ALA A 211 -2.34 18.31 -12.64
CA ALA A 211 -1.10 18.17 -13.41
C ALA A 211 -0.51 16.76 -13.28
N PHE A 212 -0.44 16.25 -12.05
CA PHE A 212 -0.02 14.88 -11.77
C PHE A 212 -0.93 13.88 -12.49
N ASP A 213 -2.22 14.18 -12.52
CA ASP A 213 -3.23 13.38 -13.21
C ASP A 213 -2.99 13.32 -14.72
N LEU A 214 -2.56 14.43 -15.30
CA LEU A 214 -2.29 14.47 -16.73
C LEU A 214 -1.17 13.53 -17.11
N LEU A 215 -0.04 13.60 -16.42
CA LEU A 215 1.09 12.72 -16.68
C LEU A 215 0.67 11.27 -16.61
N SER A 216 -0.10 10.94 -15.58
CA SER A 216 -0.57 9.59 -15.35
C SER A 216 -1.52 9.11 -16.47
N ASP A 217 -2.42 10.00 -16.90
CA ASP A 217 -3.57 9.62 -17.73
C ASP A 217 -3.40 9.73 -19.24
N ILE A 218 -2.64 10.72 -19.70
CA ILE A 218 -2.58 11.06 -21.13
C ILE A 218 -1.94 10.00 -22.03
N GLY A 219 -1.00 9.23 -21.51
CA GLY A 219 -0.39 8.15 -22.26
C GLY A 219 -1.43 7.14 -22.73
N ALA A 220 -2.19 6.60 -21.77
CA ALA A 220 -3.20 5.60 -22.03
C ALA A 220 -4.42 6.15 -22.77
N MET A 221 -4.79 7.41 -22.54
CA MET A 221 -5.87 8.03 -23.31
C MET A 221 -5.55 8.01 -24.79
N ALA A 222 -4.35 8.48 -25.13
CA ALA A 222 -3.87 8.54 -26.52
C ALA A 222 -3.66 7.17 -27.12
N ALA A 223 -3.10 6.25 -26.35
CA ALA A 223 -2.89 4.88 -26.81
C ALA A 223 -4.21 4.17 -27.10
N SER A 224 -5.23 4.47 -26.30
CA SER A 224 -6.56 3.85 -26.44
C SER A 224 -7.28 4.40 -27.66
N ARG A 225 -7.05 5.67 -27.93
CA ARG A 225 -7.65 6.32 -29.08
C ARG A 225 -6.95 5.90 -30.37
N GLY A 226 -5.66 5.63 -30.27
CA GLY A 226 -4.83 5.37 -31.42
C GLY A 226 -4.33 6.67 -32.02
N CYS A 227 -4.25 7.71 -31.21
CA CYS A 227 -3.66 8.97 -31.62
C CYS A 227 -2.37 9.20 -30.86
N VAL A 228 -1.47 9.98 -31.45
CA VAL A 228 -0.16 10.20 -30.86
C VAL A 228 0.01 11.62 -30.32
N VAL A 229 0.42 11.70 -29.07
CA VAL A 229 0.69 12.98 -28.43
C VAL A 229 2.20 13.14 -28.30
N ILE A 230 2.76 14.10 -29.04
CA ILE A 230 4.18 14.36 -29.05
C ILE A 230 4.46 15.62 -28.24
N ALA A 231 5.07 15.45 -27.08
CA ALA A 231 5.27 16.53 -26.15
C ALA A 231 6.75 16.80 -25.94
N SER A 232 7.13 18.07 -25.94
CA SER A 232 8.50 18.46 -25.67
C SER A 232 8.67 18.79 -24.19
N LEU A 233 9.58 18.08 -23.54
CA LEU A 233 9.86 18.30 -22.13
C LEU A 233 11.33 18.64 -21.95
N ASN A 234 11.60 19.81 -21.37
CA ASN A 234 12.98 20.27 -21.20
C ASN A 234 13.43 20.32 -19.74
N PRO A 235 14.46 19.52 -19.39
CA PRO A 235 15.03 19.52 -18.05
C PRO A 235 16.23 20.46 -17.92
N THR A 236 17.44 19.90 -17.96
CA THR A 236 18.72 20.62 -17.82
C THR A 236 18.82 21.45 -16.52
N SER A 237 17.79 21.31 -15.68
CA SER A 237 17.66 22.03 -14.42
C SER A 237 18.78 21.69 -13.43
N ASN A 238 19.19 20.42 -13.43
CA ASN A 238 20.22 19.89 -12.53
C ASN A 238 19.85 19.92 -11.03
N ASP A 239 18.55 19.94 -10.76
CA ASP A 239 18.02 19.82 -9.40
C ASP A 239 17.43 18.43 -9.23
N ASP A 240 18.09 17.61 -8.40
CA ASP A 240 17.63 16.23 -8.17
C ASP A 240 16.32 16.12 -7.38
N LYS A 241 15.50 17.17 -7.49
CA LYS A 241 14.12 17.14 -6.99
C LYS A 241 13.14 17.31 -8.15
N ILE A 242 13.59 18.00 -9.21
CA ILE A 242 12.75 18.20 -10.40
C ILE A 242 13.28 17.45 -11.64
N VAL A 243 14.59 17.22 -11.70
CA VAL A 243 15.21 16.51 -12.84
C VAL A 243 14.96 14.99 -12.81
N GLU A 244 14.62 14.47 -11.63
CA GLU A 244 14.31 13.04 -11.48
C GLU A 244 12.81 12.78 -11.53
N LEU A 245 12.04 13.84 -11.76
CA LEU A 245 10.63 13.74 -12.12
C LEU A 245 10.53 13.92 -13.65
N VAL A 246 11.56 14.52 -14.22
CA VAL A 246 11.76 14.61 -15.67
C VAL A 246 12.72 13.47 -16.08
N LYS A 247 12.44 12.29 -15.54
CA LYS A 247 13.30 11.11 -15.72
C LYS A 247 12.46 9.88 -15.42
N GLU A 248 11.48 10.05 -14.55
CA GLU A 248 10.50 9.03 -14.24
C GLU A 248 9.26 9.21 -15.11
N ALA A 249 8.95 10.46 -15.45
CA ALA A 249 7.90 10.75 -16.41
C ALA A 249 8.32 10.23 -17.79
N SER A 250 9.58 10.50 -18.16
CA SER A 250 10.12 10.00 -19.42
C SER A 250 10.23 8.48 -19.40
N ARG A 251 10.65 7.95 -18.24
CA ARG A 251 10.83 6.52 -18.05
C ARG A 251 9.55 5.76 -18.28
N SER A 252 8.64 5.83 -17.31
CA SER A 252 7.42 5.04 -17.33
C SER A 252 6.16 5.90 -17.19
N ASN A 253 6.00 6.81 -18.13
CA ASN A 253 4.80 7.62 -18.29
C ASN A 253 4.56 7.91 -19.75
N SER A 254 5.50 7.47 -20.59
CA SER A 254 5.42 7.67 -22.02
C SER A 254 5.41 6.32 -22.72
N THR A 255 4.85 6.28 -23.92
CA THR A 255 4.86 5.08 -24.74
C THR A 255 6.16 5.03 -25.57
N SER A 256 6.48 6.13 -26.23
CA SER A 256 7.75 6.24 -26.92
C SER A 256 8.58 7.36 -26.30
N LEU A 257 9.86 7.38 -26.64
CA LEU A 257 10.76 8.38 -26.11
C LEU A 257 11.70 8.80 -27.22
N VAL A 258 11.84 10.12 -27.43
CA VAL A 258 12.79 10.63 -28.40
C VAL A 258 13.77 11.54 -27.70
N ILE A 259 15.03 11.12 -27.66
CA ILE A 259 16.06 11.82 -26.89
C ILE A 259 17.29 12.17 -27.76
N SER A 260 17.83 13.37 -27.57
CA SER A 260 18.97 13.84 -28.36
C SER A 260 20.29 13.22 -27.90
N THR A 261 21.23 13.09 -28.83
CA THR A 261 22.53 12.51 -28.55
C THR A 261 23.64 13.57 -28.56
N ASP A 262 24.89 13.08 -28.46
CA ASP A 262 26.06 13.94 -28.44
C ASP A 262 26.30 14.58 -29.81
N VAL A 263 26.01 13.81 -30.86
CA VAL A 263 26.11 14.28 -32.25
C VAL A 263 24.97 15.25 -32.52
N ASP A 264 25.29 16.42 -33.05
CA ASP A 264 24.28 17.44 -33.29
C ASP A 264 23.32 17.04 -34.42
N GLY A 265 22.02 17.27 -34.17
CA GLY A 265 20.97 16.95 -35.13
C GLY A 265 20.61 15.47 -35.17
N GLU A 266 21.11 14.71 -34.21
CA GLU A 266 20.82 13.29 -34.15
C GLU A 266 20.01 12.94 -32.91
N TRP A 267 18.96 12.15 -33.11
CA TRP A 267 18.04 11.79 -32.04
C TRP A 267 17.86 10.29 -31.98
N GLN A 268 17.56 9.79 -30.79
CA GLN A 268 17.35 8.37 -30.58
C GLN A 268 15.91 8.06 -30.15
N VAL A 269 15.25 7.21 -30.93
CA VAL A 269 13.86 6.85 -30.66
C VAL A 269 13.75 5.50 -29.97
N LEU A 270 13.09 5.48 -28.83
CA LEU A 270 12.80 4.23 -28.12
C LEU A 270 11.29 4.02 -28.09
N THR A 271 10.80 3.18 -28.99
CA THR A 271 9.37 2.85 -29.05
C THR A 271 9.07 1.65 -28.16
N ARG A 272 7.97 1.73 -27.42
CA ARG A 272 7.45 0.61 -26.67
C ARG A 272 6.35 -0.02 -27.53
N THR A 273 6.49 -1.30 -27.85
CA THR A 273 5.64 -1.93 -28.87
C THR A 273 4.38 -2.61 -28.34
N GLY A 274 4.26 -2.71 -27.02
CA GLY A 274 3.07 -3.27 -26.41
C GLY A 274 3.33 -3.94 -25.09
N GLU A 275 2.24 -4.19 -24.37
CA GLU A 275 2.30 -4.83 -23.05
C GLU A 275 3.22 -6.05 -23.02
N GLY A 276 4.36 -5.90 -22.35
CA GLY A 276 5.27 -7.02 -22.14
C GLY A 276 5.99 -7.49 -23.39
N LEU A 277 6.01 -6.64 -24.41
CA LEU A 277 6.75 -6.93 -25.64
C LEU A 277 8.08 -6.18 -25.67
N GLN A 278 8.89 -6.44 -26.69
CA GLN A 278 10.23 -5.87 -26.78
C GLN A 278 10.22 -4.44 -27.28
N ALA A 279 10.73 -3.52 -26.46
CA ALA A 279 10.88 -2.13 -26.88
C ALA A 279 11.87 -1.99 -28.05
N LEU A 280 11.43 -1.32 -29.11
CA LEU A 280 12.26 -1.07 -30.29
C LEU A 280 13.07 0.23 -30.22
N THR A 281 14.19 0.26 -30.93
CA THR A 281 15.00 1.48 -31.01
C THR A 281 15.42 1.78 -32.45
N HIS A 282 15.64 3.07 -32.75
CA HIS A 282 16.25 3.51 -34.01
C HIS A 282 16.70 4.97 -33.91
N THR A 283 17.51 5.42 -34.87
CA THR A 283 18.15 6.74 -34.80
C THR A 283 17.70 7.65 -35.91
N LEU A 284 17.47 8.92 -35.58
CA LEU A 284 17.03 9.93 -36.54
C LEU A 284 18.15 10.91 -36.86
N GLN A 285 18.31 11.23 -38.14
CA GLN A 285 19.20 12.31 -38.55
C GLN A 285 18.34 13.48 -39.00
N THR A 286 18.75 14.70 -38.64
CA THR A 286 17.96 15.90 -38.95
C THR A 286 18.81 17.08 -39.40
N SER A 287 18.22 17.95 -40.22
CA SER A 287 18.87 19.21 -40.57
C SER A 287 17.85 20.34 -40.66
N TYR A 288 18.32 21.56 -40.49
CA TYR A 288 17.48 22.75 -40.58
C TYR A 288 17.41 23.31 -42.01
N GLY A 289 16.32 23.99 -42.32
CA GLY A 289 16.19 24.73 -43.58
C GLY A 289 15.91 26.20 -43.32
N GLU A 290 15.07 26.79 -44.16
CA GLU A 290 14.68 28.20 -44.00
C GLU A 290 13.78 28.41 -42.79
N HIS A 291 14.00 29.54 -42.09
CA HIS A 291 13.26 29.91 -40.86
C HIS A 291 13.19 28.80 -39.80
N SER A 292 14.31 28.09 -39.58
CA SER A 292 14.38 27.06 -38.54
C SER A 292 13.48 25.83 -38.75
N VAL A 293 12.96 25.65 -39.96
CA VAL A 293 12.10 24.49 -40.24
C VAL A 293 12.94 23.23 -40.35
N LEU A 294 12.71 22.27 -39.46
CA LEU A 294 13.53 21.08 -39.40
C LEU A 294 13.01 19.97 -40.32
N THR A 295 13.93 19.24 -40.92
CA THR A 295 13.62 18.09 -41.76
C THR A 295 14.26 16.83 -41.18
N ILE A 296 13.51 15.72 -41.21
CA ILE A 296 14.02 14.43 -40.78
C ILE A 296 14.34 13.59 -42.02
N HIS A 297 15.58 13.14 -42.11
CA HIS A 297 16.07 12.39 -43.27
C HIS A 297 15.59 10.94 -43.27
N THR A 298 15.66 10.31 -44.45
CA THR A 298 15.18 8.95 -44.65
C THR A 298 16.31 7.92 -44.74
N SER A 299 17.19 8.09 -45.71
CA SER A 299 18.26 7.14 -45.98
C SER A 299 19.62 7.84 -46.09
N GLN A 313 14.96 -3.26 -37.75
CA GLN A 313 14.92 -2.50 -36.50
C GLN A 313 15.55 -3.27 -35.35
N THR A 314 16.48 -2.63 -34.65
CA THR A 314 17.19 -3.25 -33.53
C THR A 314 16.36 -3.28 -32.25
N VAL A 315 16.49 -4.39 -31.50
CA VAL A 315 15.81 -4.56 -30.21
C VAL A 315 16.73 -4.13 -29.06
N ILE A 316 16.23 -3.26 -28.19
CA ILE A 316 17.03 -2.74 -27.07
C ILE A 316 16.62 -3.37 -25.72
N LYS A 317 17.57 -4.03 -25.08
CA LYS A 317 17.35 -4.68 -23.79
C LYS A 317 17.44 -3.68 -22.64
N ASN A 318 17.00 -4.09 -21.45
CA ASN A 318 17.10 -3.26 -20.25
C ASN A 318 18.56 -2.97 -19.86
N ASP A 319 18.75 -2.14 -18.82
CA ASP A 319 20.05 -1.53 -18.46
C ASP A 319 20.66 -0.64 -19.56
N GLU A 320 20.19 -0.81 -20.80
CA GLU A 320 20.53 0.07 -21.91
C GLU A 320 19.58 1.26 -21.96
N LEU A 321 18.39 1.09 -21.37
CA LEU A 321 17.43 2.19 -21.23
C LEU A 321 17.89 3.14 -20.13
N GLU A 322 18.40 2.57 -19.04
CA GLU A 322 19.00 3.34 -17.94
C GLU A 322 20.28 4.06 -18.37
N SER A 323 21.09 3.37 -19.18
CA SER A 323 22.34 3.90 -19.71
C SER A 323 22.13 5.10 -20.65
N VAL A 324 20.94 5.15 -21.27
CA VAL A 324 20.55 6.26 -22.15
C VAL A 324 20.00 7.45 -21.34
N LEU A 325 19.44 7.17 -20.15
CA LEU A 325 18.92 8.22 -19.29
C LEU A 325 20.05 8.97 -18.56
N ARG A 326 20.96 9.54 -19.35
CA ARG A 326 22.04 10.38 -18.83
C ARG A 326 21.65 11.86 -19.01
N ARG A 327 20.71 12.32 -18.20
CA ARG A 327 20.21 13.69 -18.26
C ARG A 327 20.61 14.51 -17.03
N LEU A 328 21.77 14.18 -16.48
CA LEU A 328 22.37 14.90 -15.34
C LEU A 328 23.76 15.42 -15.70
N THR A 329 24.56 14.74 -16.35
N MET B 1 -10.58 -9.41 15.68
CA MET B 1 -10.83 -9.31 17.15
C MET B 1 -9.58 -9.77 17.91
N ILE B 2 -9.51 -9.46 19.19
CA ILE B 2 -8.39 -9.90 20.02
C ILE B 2 -8.49 -11.39 20.38
N HIS B 3 -7.34 -12.04 20.53
CA HIS B 3 -7.29 -13.46 20.87
C HIS B 3 -6.45 -13.70 22.11
N LEU B 4 -6.88 -14.65 22.94
CA LEU B 4 -6.22 -14.97 24.20
C LEU B 4 -5.52 -16.32 24.12
N TYR B 5 -4.29 -16.38 24.62
CA TYR B 5 -3.49 -17.61 24.54
C TYR B 5 -2.82 -17.98 25.86
N ASP B 6 -2.58 -19.28 26.02
CA ASP B 6 -1.62 -19.79 26.98
C ASP B 6 -0.65 -20.66 26.21
N ALA B 7 0.33 -21.24 26.90
CA ALA B 7 1.33 -22.12 26.27
C ALA B 7 0.67 -23.14 25.35
N LYS B 8 -0.31 -23.87 25.88
CA LYS B 8 -0.96 -24.95 25.15
C LYS B 8 -1.72 -24.48 23.93
N SER B 9 -2.60 -23.49 24.09
CA SER B 9 -3.43 -22.99 22.99
C SER B 9 -2.62 -22.28 21.91
N PHE B 10 -1.56 -21.57 22.32
CA PHE B 10 -0.61 -20.98 21.39
C PHE B 10 0.11 -22.04 20.56
N ALA B 11 0.59 -23.08 21.24
CA ALA B 11 1.32 -24.17 20.58
C ALA B 11 0.53 -24.81 19.44
N LYS B 12 -0.79 -24.87 19.60
CA LYS B 12 -1.63 -25.50 18.58
C LYS B 12 -2.11 -24.52 17.49
N LEU B 13 -2.03 -23.22 17.76
CA LEU B 13 -2.20 -22.23 16.71
C LEU B 13 -1.05 -22.34 15.72
N ARG B 14 0.18 -22.33 16.25
CA ARG B 14 1.36 -22.51 15.41
C ARG B 14 1.22 -23.80 14.62
N ALA B 15 0.87 -24.88 15.32
CA ALA B 15 0.66 -26.16 14.68
C ALA B 15 -0.30 -26.04 13.48
N ALA B 16 -1.38 -25.28 13.67
CA ALA B 16 -2.39 -25.07 12.65
C ALA B 16 -1.93 -24.14 11.54
N GLN B 17 -1.18 -23.10 11.91
CA GLN B 17 -0.61 -22.13 10.97
C GLN B 17 0.40 -22.80 10.04
N TYR B 18 1.23 -23.66 10.61
CA TYR B 18 2.22 -24.41 9.84
C TYR B 18 1.50 -25.27 8.81
N ALA B 19 0.51 -26.02 9.28
CA ALA B 19 -0.36 -26.85 8.43
C ALA B 19 -1.01 -26.06 7.27
N ALA B 20 -1.43 -24.82 7.54
CA ALA B 20 -2.13 -23.99 6.57
C ALA B 20 -1.30 -23.75 5.32
N PHE B 21 0.01 -23.76 5.48
CA PHE B 21 0.90 -23.60 4.32
C PHE B 21 1.56 -24.90 3.85
N HIS B 22 2.06 -25.68 4.81
CA HIS B 22 2.88 -26.85 4.47
C HIS B 22 2.12 -28.11 4.08
N THR B 23 0.94 -28.34 4.68
CA THR B 23 0.23 -29.61 4.46
C THR B 23 -1.16 -29.53 3.83
N ASP B 24 -1.90 -28.44 4.07
CA ASP B 24 -3.26 -28.30 3.53
C ASP B 24 -3.28 -28.42 2.01
N ALA B 25 -4.39 -28.90 1.46
CA ALA B 25 -4.52 -29.02 0.01
C ALA B 25 -4.39 -27.63 -0.62
N PRO B 26 -3.52 -27.48 -1.64
CA PRO B 26 -3.37 -26.20 -2.29
C PRO B 26 -4.70 -25.68 -2.83
N GLY B 27 -5.00 -24.42 -2.51
CA GLY B 27 -6.21 -23.77 -2.99
C GLY B 27 -7.44 -24.03 -2.15
N SER B 28 -7.28 -24.82 -1.10
CA SER B 28 -8.42 -25.30 -0.31
C SER B 28 -9.00 -24.23 0.62
N TRP B 29 -8.17 -23.31 1.10
CA TRP B 29 -8.67 -22.21 1.93
C TRP B 29 -9.57 -21.27 1.12
N PHE B 30 -9.16 -20.94 -0.11
CA PHE B 30 -9.97 -20.12 -1.01
C PHE B 30 -11.36 -20.74 -1.21
N ASP B 31 -11.40 -22.07 -1.34
CA ASP B 31 -12.65 -22.80 -1.49
C ASP B 31 -13.52 -22.67 -0.25
N HIS B 32 -12.89 -22.76 0.91
CA HIS B 32 -13.62 -22.66 2.16
C HIS B 32 -14.26 -21.28 2.32
N THR B 33 -13.51 -20.24 1.95
CA THR B 33 -13.97 -18.88 2.13
C THR B 33 -15.00 -18.45 1.08
N SER B 34 -15.02 -19.14 -0.07
CA SER B 34 -16.06 -18.92 -1.06
C SER B 34 -17.39 -19.37 -0.49
N GLY B 35 -17.37 -20.50 0.24
CA GLY B 35 -18.54 -21.05 0.89
C GLY B 35 -19.07 -20.16 2.00
N VAL B 36 -18.15 -19.48 2.69
CA VAL B 36 -18.51 -18.55 3.76
C VAL B 36 -19.12 -17.29 3.17
N LEU B 37 -18.64 -16.90 1.99
CA LEU B 37 -19.16 -15.74 1.29
C LEU B 37 -20.52 -16.05 0.67
N GLU B 38 -20.69 -17.29 0.20
CA GLU B 38 -21.98 -17.71 -0.36
C GLU B 38 -23.09 -17.87 0.67
N SER B 39 -22.72 -18.04 1.94
CA SER B 39 -23.71 -18.19 3.02
C SER B 39 -24.04 -16.86 3.69
N VAL B 40 -23.68 -15.76 3.04
CA VAL B 40 -24.05 -14.43 3.48
C VAL B 40 -25.31 -14.01 2.73
N GLU B 41 -26.27 -13.44 3.45
CA GLU B 41 -27.51 -12.93 2.85
C GLU B 41 -27.21 -11.83 1.85
N ASP B 42 -27.89 -11.87 0.70
CA ASP B 42 -27.70 -10.87 -0.35
C ASP B 42 -27.83 -9.47 0.25
N GLY B 43 -27.08 -8.52 -0.29
CA GLY B 43 -27.15 -7.13 0.17
C GLY B 43 -26.21 -6.81 1.32
N THR B 44 -25.96 -7.79 2.18
CA THR B 44 -25.03 -7.62 3.32
C THR B 44 -23.62 -7.32 2.83
N PRO B 45 -23.02 -6.23 3.34
CA PRO B 45 -21.64 -5.83 3.04
C PRO B 45 -20.63 -6.86 3.48
N VAL B 46 -19.70 -7.20 2.58
CA VAL B 46 -18.67 -8.20 2.89
C VAL B 46 -17.26 -7.64 2.80
N LEU B 47 -17.07 -6.62 1.97
CA LEU B 47 -15.76 -6.05 1.71
C LEU B 47 -15.80 -4.53 1.56
N ALA B 48 -14.93 -3.82 2.29
CA ALA B 48 -14.81 -2.38 2.17
C ALA B 48 -13.40 -1.98 1.81
N ILE B 49 -13.25 -1.13 0.79
CA ILE B 49 -11.92 -0.74 0.33
C ILE B 49 -11.79 0.77 0.11
N GLY B 50 -10.60 1.31 0.39
CA GLY B 50 -10.38 2.75 0.35
C GLY B 50 -10.26 3.33 -1.04
N VAL B 51 -11.06 4.37 -1.31
CA VAL B 51 -10.94 5.14 -2.55
C VAL B 51 -9.91 6.22 -2.34
N GLU B 52 -9.69 7.03 -3.39
CA GLU B 52 -8.59 8.01 -3.44
C GLU B 52 -8.58 8.99 -2.25
N SER B 53 -9.78 9.42 -1.83
CA SER B 53 -9.91 10.38 -0.73
C SER B 53 -9.58 9.80 0.64
N GLY B 54 -9.76 8.49 0.80
CA GLY B 54 -9.68 7.85 2.09
C GLY B 54 -11.04 7.37 2.57
N ASP B 55 -12.10 7.87 1.93
CA ASP B 55 -13.43 7.28 2.07
C ASP B 55 -13.37 5.83 1.59
N ALA B 56 -14.33 5.01 2.02
CA ALA B 56 -14.33 3.60 1.65
C ALA B 56 -15.54 3.29 0.79
N ILE B 57 -15.35 2.42 -0.21
CA ILE B 57 -16.50 1.86 -0.94
C ILE B 57 -16.72 0.43 -0.49
N VAL B 58 -17.96 -0.04 -0.60
CA VAL B 58 -18.37 -1.32 -0.03
C VAL B 58 -19.07 -2.24 -1.05
N PHE B 59 -18.88 -3.55 -0.89
CA PHE B 59 -19.37 -4.54 -1.84
C PHE B 59 -20.13 -5.67 -1.15
N ASP B 60 -21.03 -6.30 -1.90
CA ASP B 60 -21.70 -7.53 -1.46
C ASP B 60 -20.96 -8.77 -1.98
N LYS B 61 -21.52 -9.96 -1.73
CA LYS B 61 -20.88 -11.22 -2.13
C LYS B 61 -20.73 -11.37 -3.64
N ASN B 62 -21.57 -10.66 -4.39
CA ASN B 62 -21.56 -10.71 -5.85
C ASN B 62 -20.75 -9.59 -6.50
N ALA B 63 -19.93 -8.91 -5.70
CA ALA B 63 -19.11 -7.80 -6.15
C ALA B 63 -19.94 -6.63 -6.69
N GLN B 64 -21.15 -6.47 -6.15
CA GLN B 64 -22.01 -5.32 -6.44
C GLN B 64 -21.78 -4.22 -5.41
N ARG B 65 -21.56 -3.01 -5.89
CA ARG B 65 -21.32 -1.88 -5.01
C ARG B 65 -22.61 -1.50 -4.28
N ILE B 66 -22.52 -1.34 -2.97
CA ILE B 66 -23.66 -0.97 -2.13
C ILE B 66 -23.79 0.56 -2.02
N VAL B 67 -25.02 1.06 -2.21
CA VAL B 67 -25.26 2.51 -2.22
C VAL B 67 -25.92 3.01 -0.93
N ALA B 68 -26.78 2.17 -0.34
CA ALA B 68 -27.48 2.52 0.88
C ALA B 68 -27.69 1.28 1.73
N TYR B 69 -27.30 1.34 2.99
CA TYR B 69 -27.43 0.20 3.91
C TYR B 69 -27.62 0.72 5.33
N LYS B 70 -28.80 0.45 5.89
CA LYS B 70 -29.15 0.92 7.23
C LYS B 70 -28.27 0.26 8.30
N GLU B 71 -27.96 1.02 9.35
CA GLU B 71 -27.06 0.57 10.41
C GLU B 71 -27.43 -0.81 10.96
N LYS B 72 -26.47 -1.73 10.86
CA LYS B 72 -26.62 -3.08 11.40
C LYS B 72 -25.43 -3.34 12.34
N SER B 73 -25.71 -3.91 13.50
CA SER B 73 -24.66 -4.25 14.47
C SER B 73 -24.65 -5.73 14.79
N VAL B 74 -23.44 -6.28 14.98
CA VAL B 74 -23.30 -7.68 15.35
C VAL B 74 -22.40 -7.84 16.58
N LYS B 75 -22.86 -8.68 17.51
CA LYS B 75 -22.12 -8.99 18.74
C LYS B 75 -21.13 -10.12 18.48
N ALA B 76 -19.96 -10.05 19.13
CA ALA B 76 -18.94 -11.08 18.99
C ALA B 76 -18.84 -12.00 20.23
N GLU B 77 -17.70 -12.68 20.37
CA GLU B 77 -17.53 -13.74 21.38
C GLU B 77 -17.61 -13.38 22.88
N ASP B 78 -16.81 -12.48 23.49
CA ASP B 78 -15.71 -11.59 23.00
C ASP B 78 -15.97 -10.18 23.52
N GLY B 79 -17.24 -9.75 23.44
CA GLY B 79 -17.65 -8.41 23.82
C GLY B 79 -17.82 -7.49 22.62
N SER B 80 -16.74 -7.31 21.86
CA SER B 80 -16.65 -6.35 20.76
C SER B 80 -17.83 -6.37 19.79
N VAL B 81 -18.21 -5.19 19.33
CA VAL B 81 -19.31 -5.04 18.37
C VAL B 81 -18.78 -4.46 17.07
N SER B 82 -19.36 -4.90 15.96
CA SER B 82 -19.02 -4.38 14.64
C SER B 82 -20.22 -3.66 14.03
N VAL B 83 -20.00 -2.42 13.61
CA VAL B 83 -21.07 -1.55 13.09
C VAL B 83 -20.82 -1.30 11.61
N VAL B 84 -21.80 -1.60 10.75
CA VAL B 84 -21.65 -1.35 9.32
C VAL B 84 -22.76 -0.45 8.80
N GLN B 85 -22.40 0.54 7.99
CA GLN B 85 -23.36 1.49 7.43
C GLN B 85 -22.85 2.13 6.14
N VAL B 86 -23.65 2.04 5.09
CA VAL B 86 -23.34 2.68 3.81
C VAL B 86 -24.38 3.75 3.51
N GLU B 87 -23.93 4.95 3.16
CA GLU B 87 -24.81 6.07 2.85
C GLU B 87 -24.29 6.84 1.66
N ASN B 88 -25.19 7.12 0.71
CA ASN B 88 -24.86 7.79 -0.55
C ASN B 88 -23.61 7.23 -1.23
N GLY B 89 -23.51 5.90 -1.30
CA GLY B 89 -22.45 5.23 -2.02
C GLY B 89 -21.12 5.08 -1.29
N PHE B 90 -21.03 5.59 -0.07
CA PHE B 90 -19.82 5.49 0.73
C PHE B 90 -20.10 4.95 2.13
N MET B 91 -19.09 4.32 2.73
CA MET B 91 -19.17 3.81 4.10
C MET B 91 -19.27 4.97 5.09
N LYS B 92 -20.18 4.86 6.05
CA LYS B 92 -20.35 5.90 7.06
C LYS B 92 -19.85 5.41 8.42
N GLN B 93 -20.04 4.11 8.69
CA GLN B 93 -19.47 3.47 9.88
C GLN B 93 -18.84 2.12 9.49
N GLY B 94 -17.68 1.82 10.07
CA GLY B 94 -17.03 0.52 9.84
C GLY B 94 -15.53 0.53 9.67
N HIS B 95 -15.02 -0.47 8.94
CA HIS B 95 -13.59 -0.60 8.73
C HIS B 95 -13.25 -1.12 7.36
N ARG B 96 -12.07 -0.75 6.86
CA ARG B 96 -11.54 -1.27 5.61
C ARG B 96 -11.13 -2.74 5.81
N GLY B 97 -11.36 -3.56 4.79
CA GLY B 97 -11.13 -4.99 4.90
C GLY B 97 -12.41 -5.79 4.84
N TRP B 98 -12.36 -7.03 5.34
CA TRP B 98 -13.52 -7.91 5.30
C TRP B 98 -14.53 -7.62 6.40
N LEU B 99 -15.74 -7.26 5.98
CA LEU B 99 -16.81 -6.91 6.91
C LEU B 99 -17.53 -8.15 7.41
N VAL B 100 -17.06 -9.31 6.99
CA VAL B 100 -17.49 -10.59 7.54
C VAL B 100 -16.28 -11.39 7.99
N ASP B 101 -16.51 -12.32 8.92
CA ASP B 101 -15.43 -13.12 9.47
C ASP B 101 -15.14 -14.30 8.55
N LEU B 102 -13.98 -14.29 7.92
CA LEU B 102 -13.56 -15.39 7.07
C LEU B 102 -12.66 -16.33 7.85
N THR B 103 -11.90 -15.77 8.78
CA THR B 103 -10.80 -16.48 9.43
C THR B 103 -11.17 -17.10 10.78
N GLY B 104 -12.18 -16.53 11.43
CA GLY B 104 -12.54 -16.94 12.79
C GLY B 104 -11.35 -16.91 13.72
N GLU B 105 -10.90 -18.09 14.14
CA GLU B 105 -9.81 -18.22 15.09
C GLU B 105 -8.49 -18.56 14.40
N LEU B 106 -8.55 -18.89 13.12
CA LEU B 106 -7.40 -19.27 12.34
C LEU B 106 -6.79 -18.04 11.68
N VAL B 107 -5.94 -17.34 12.43
CA VAL B 107 -5.34 -16.10 11.94
C VAL B 107 -3.81 -16.21 11.87
N GLY B 108 -3.21 -15.31 11.09
CA GLY B 108 -1.76 -15.26 10.97
C GLY B 108 -1.23 -16.35 10.07
N CYS B 109 -2.03 -16.77 9.11
CA CYS B 109 -1.66 -17.82 8.16
C CYS B 109 -1.19 -17.26 6.82
N SER B 110 -0.44 -18.07 6.08
CA SER B 110 -0.22 -17.85 4.65
C SER B 110 -0.81 -19.06 3.94
N PRO B 111 -2.16 -19.10 3.81
CA PRO B 111 -2.80 -20.27 3.22
C PRO B 111 -2.24 -20.56 1.84
N VAL B 112 -1.81 -21.79 1.60
CA VAL B 112 -1.25 -22.19 0.31
C VAL B 112 -2.26 -21.95 -0.81
N VAL B 113 -1.81 -21.26 -1.87
CA VAL B 113 -2.69 -20.91 -2.99
C VAL B 113 -2.58 -21.91 -4.14
N ALA B 114 -1.40 -22.50 -4.32
CA ALA B 114 -1.15 -23.42 -5.42
C ALA B 114 0.19 -24.12 -5.24
N GLU B 115 0.33 -25.29 -5.87
CA GLU B 115 1.60 -25.97 -5.97
C GLU B 115 2.00 -25.95 -7.43
N PHE B 116 3.25 -25.61 -7.72
CA PHE B 116 3.75 -25.58 -9.10
C PHE B 116 5.25 -25.84 -9.14
N GLY B 117 5.65 -26.76 -10.01
CA GLY B 117 7.05 -27.15 -10.12
C GLY B 117 7.58 -27.71 -8.82
N GLY B 118 6.69 -28.36 -8.07
CA GLY B 118 7.04 -28.98 -6.78
C GLY B 118 7.29 -27.97 -5.68
N HIS B 119 6.79 -26.74 -5.88
CA HIS B 119 6.90 -25.69 -4.86
C HIS B 119 5.52 -25.18 -4.45
N ARG B 120 5.29 -25.07 -3.16
CA ARG B 120 4.05 -24.48 -2.65
C ARG B 120 4.14 -22.96 -2.69
N TYR B 121 3.06 -22.31 -3.13
CA TYR B 121 3.02 -20.86 -3.18
C TYR B 121 1.97 -20.34 -2.22
N ALA B 122 2.32 -19.30 -1.48
CA ALA B 122 1.40 -18.70 -0.49
C ALA B 122 0.47 -17.70 -1.13
N SER B 123 -0.73 -17.60 -0.57
CA SER B 123 -1.63 -16.50 -0.91
C SER B 123 -1.19 -15.22 -0.17
N GLY B 124 -1.84 -14.11 -0.49
CA GLY B 124 -1.40 -12.82 -0.01
C GLY B 124 -0.87 -12.00 -1.17
N MET B 125 0.01 -11.05 -0.85
CA MET B 125 0.57 -10.16 -1.85
C MET B 125 1.95 -10.66 -2.24
N VAL B 126 2.11 -10.96 -3.51
CA VAL B 126 3.42 -11.28 -4.08
C VAL B 126 3.88 -10.07 -4.88
N ILE B 127 5.03 -9.50 -4.52
CA ILE B 127 5.55 -8.36 -5.28
C ILE B 127 6.70 -8.78 -6.18
N VAL B 128 6.52 -8.54 -7.47
CA VAL B 128 7.52 -8.87 -8.47
C VAL B 128 8.33 -7.61 -8.77
N THR B 129 9.57 -7.60 -8.30
CA THR B 129 10.40 -6.41 -8.38
C THR B 129 11.85 -6.75 -8.74
N GLY B 130 12.70 -5.73 -8.81
CA GLY B 130 14.09 -5.92 -9.15
C GLY B 130 14.61 -4.82 -10.06
N LYS B 131 15.85 -5.01 -10.50
CA LYS B 131 16.55 -4.02 -11.31
C LYS B 131 17.41 -4.78 -12.30
N GLY B 132 17.37 -4.37 -13.56
CA GLY B 132 18.26 -4.95 -14.58
C GLY B 132 17.58 -5.51 -15.82
N ASN B 133 18.26 -6.48 -16.46
CA ASN B 133 17.87 -7.01 -17.78
C ASN B 133 16.53 -7.77 -17.86
N SER B 134 16.00 -8.19 -16.71
CA SER B 134 14.79 -9.01 -16.66
C SER B 134 13.48 -8.20 -16.62
N GLY B 135 12.46 -8.67 -17.35
CA GLY B 135 11.17 -7.98 -17.47
C GLY B 135 10.07 -8.52 -16.58
N LYS B 136 9.43 -7.63 -15.84
CA LYS B 136 8.47 -8.01 -14.79
C LYS B 136 7.12 -8.47 -15.31
N THR B 137 6.58 -7.74 -16.28
CA THR B 137 5.25 -8.01 -16.84
C THR B 137 5.08 -9.42 -17.42
N PRO B 138 6.02 -9.87 -18.27
CA PRO B 138 5.95 -11.26 -18.73
C PRO B 138 5.94 -12.29 -17.59
N LEU B 139 6.59 -11.96 -16.46
CA LEU B 139 6.65 -12.88 -15.32
C LEU B 139 5.34 -12.94 -14.55
N VAL B 140 4.73 -11.79 -14.24
CA VAL B 140 3.46 -11.79 -13.50
C VAL B 140 2.40 -12.56 -14.25
N HIS B 141 2.39 -12.44 -15.57
CA HIS B 141 1.45 -13.19 -16.41
C HIS B 141 1.78 -14.68 -16.46
N ALA B 142 3.07 -15.01 -16.53
CA ALA B 142 3.52 -16.39 -16.55
C ALA B 142 3.25 -17.05 -15.21
N LEU B 143 3.51 -16.32 -14.14
CA LEU B 143 3.32 -16.83 -12.78
C LEU B 143 1.83 -16.89 -12.43
N GLY B 144 1.06 -15.93 -12.98
CA GLY B 144 -0.39 -15.93 -12.85
C GLY B 144 -1.02 -17.18 -13.45
N GLU B 145 -0.61 -17.51 -14.67
CA GLU B 145 -1.08 -18.73 -15.35
C GLU B 145 -0.70 -20.01 -14.59
N ALA B 146 0.55 -20.08 -14.15
CA ALA B 146 1.07 -21.27 -13.46
C ALA B 146 0.33 -21.55 -12.13
N LEU B 147 0.08 -20.50 -11.36
CA LEU B 147 -0.67 -20.63 -10.11
C LEU B 147 -2.17 -20.75 -10.38
N GLY B 148 -2.59 -20.30 -11.56
CA GLY B 148 -3.96 -20.49 -11.99
C GLY B 148 -4.30 -21.96 -12.07
N GLY B 149 -3.35 -22.76 -12.58
CA GLY B 149 -3.54 -24.19 -12.83
C GLY B 149 -4.73 -24.51 -13.73
N LYS B 150 -5.73 -25.17 -13.15
CA LYS B 150 -6.97 -25.47 -13.85
C LYS B 150 -7.83 -24.23 -14.08
N ASP B 151 -7.60 -23.18 -13.28
CA ASP B 151 -8.39 -21.96 -13.35
C ASP B 151 -7.73 -20.85 -14.15
N LYS B 152 -8.57 -20.05 -14.81
CA LYS B 152 -8.16 -18.79 -15.41
C LYS B 152 -7.72 -17.82 -14.32
N TYR B 153 -6.85 -16.86 -14.64
CA TYR B 153 -6.44 -15.83 -13.67
C TYR B 153 -6.97 -14.47 -14.06
N ALA B 154 -7.18 -13.61 -13.07
CA ALA B 154 -7.69 -12.26 -13.30
C ALA B 154 -6.56 -11.27 -13.51
N THR B 155 -6.74 -10.36 -14.45
CA THR B 155 -5.74 -9.35 -14.74
C THR B 155 -6.33 -7.95 -14.56
N VAL B 156 -5.90 -7.29 -13.47
CA VAL B 156 -6.19 -5.89 -13.23
C VAL B 156 -5.10 -5.04 -13.88
N ARG B 157 -5.49 -4.14 -14.78
CA ARG B 157 -4.53 -3.27 -15.46
C ARG B 157 -4.64 -1.83 -14.99
N PHE B 158 -3.53 -1.30 -14.48
CA PHE B 158 -3.54 0.07 -13.99
C PHE B 158 -2.26 0.83 -14.24
N GLY B 159 -2.41 2.05 -14.77
CA GLY B 159 -1.34 3.05 -14.80
C GLY B 159 -0.16 2.75 -15.70
N GLU B 160 -0.43 2.49 -16.96
CA GLU B 160 0.61 2.33 -17.98
C GLU B 160 0.13 3.00 -19.27
N PRO B 161 1.05 3.57 -20.05
CA PRO B 161 0.66 4.32 -21.24
C PRO B 161 0.36 3.40 -22.43
N LEU B 162 -0.53 2.43 -22.24
CA LEU B 162 -0.92 1.49 -23.28
C LEU B 162 -2.44 1.48 -23.46
N SER B 163 -2.91 1.03 -24.62
CA SER B 163 -4.36 0.99 -24.90
C SER B 163 -5.12 0.19 -23.86
N GLY B 164 -6.28 0.72 -23.45
CA GLY B 164 -7.17 0.00 -22.56
C GLY B 164 -6.88 0.14 -21.08
N TYR B 165 -5.66 0.54 -20.74
CA TYR B 165 -5.26 0.70 -19.34
C TYR B 165 -6.01 1.82 -18.63
N ASN B 166 -6.59 1.49 -17.48
CA ASN B 166 -7.25 2.48 -16.65
C ASN B 166 -6.24 3.23 -15.81
N THR B 167 -6.47 4.52 -15.63
CA THR B 167 -5.53 5.35 -14.90
C THR B 167 -6.17 6.00 -13.66
N ASP B 168 -7.45 5.71 -13.47
CA ASP B 168 -8.20 6.22 -12.32
C ASP B 168 -8.08 5.24 -11.15
N PHE B 169 -7.55 5.73 -10.03
CA PHE B 169 -7.36 4.92 -8.83
C PHE B 169 -8.65 4.31 -8.24
N ASN B 170 -9.77 5.00 -8.42
CA ASN B 170 -11.03 4.54 -7.87
C ASN B 170 -11.61 3.40 -8.70
N VAL B 171 -11.36 3.41 -10.00
CA VAL B 171 -11.77 2.30 -10.84
C VAL B 171 -10.86 1.13 -10.48
N PHE B 172 -9.59 1.44 -10.25
CA PHE B 172 -8.59 0.46 -9.85
C PHE B 172 -9.01 -0.34 -8.63
N VAL B 173 -9.41 0.32 -7.54
CA VAL B 173 -9.82 -0.40 -6.33
C VAL B 173 -11.12 -1.19 -6.55
N ASP B 174 -12.02 -0.66 -7.37
CA ASP B 174 -13.23 -1.36 -7.77
C ASP B 174 -12.89 -2.66 -8.50
N ASP B 175 -11.78 -2.65 -9.23
CA ASP B 175 -11.28 -3.85 -9.91
C ASP B 175 -10.82 -4.89 -8.88
N ILE B 176 -9.91 -4.48 -7.98
CA ILE B 176 -9.30 -5.37 -6.98
C ILE B 176 -10.37 -6.05 -6.13
N ALA B 177 -11.37 -5.29 -5.72
CA ALA B 177 -12.48 -5.81 -4.96
C ALA B 177 -13.09 -7.00 -5.70
N ARG B 178 -13.62 -6.73 -6.90
CA ARG B 178 -14.21 -7.77 -7.74
C ARG B 178 -13.30 -9.00 -7.86
N ALA B 179 -12.04 -8.77 -8.18
CA ALA B 179 -11.07 -9.86 -8.35
C ALA B 179 -10.92 -10.75 -7.11
N MET B 180 -10.76 -10.13 -5.95
CA MET B 180 -10.58 -10.87 -4.69
C MET B 180 -11.86 -11.59 -4.29
N LEU B 181 -13.00 -10.99 -4.65
CA LEU B 181 -14.31 -11.55 -4.33
C LEU B 181 -14.67 -12.73 -5.21
N GLN B 182 -14.00 -12.86 -6.36
CA GLN B 182 -14.40 -13.81 -7.39
C GLN B 182 -13.32 -14.72 -7.97
N HIS B 183 -12.05 -14.50 -7.62
CA HIS B 183 -10.97 -15.27 -8.26
C HIS B 183 -9.82 -15.54 -7.30
N ARG B 184 -9.24 -16.73 -7.43
CA ARG B 184 -8.13 -17.16 -6.59
C ARG B 184 -6.80 -16.55 -7.01
N VAL B 185 -6.58 -16.41 -8.32
CA VAL B 185 -5.35 -15.78 -8.82
C VAL B 185 -5.62 -14.45 -9.53
N ILE B 186 -5.05 -13.39 -8.99
CA ILE B 186 -5.22 -12.04 -9.51
C ILE B 186 -3.86 -11.46 -9.89
N VAL B 187 -3.79 -10.75 -11.00
CA VAL B 187 -2.57 -10.07 -11.41
C VAL B 187 -2.84 -8.58 -11.49
N ILE B 188 -1.96 -7.78 -10.88
CA ILE B 188 -2.03 -6.33 -10.98
C ILE B 188 -0.84 -5.84 -11.77
N ASP B 189 -1.13 -5.14 -12.86
CA ASP B 189 -0.11 -4.56 -13.71
C ASP B 189 -0.52 -3.14 -14.09
N SER B 190 0.14 -2.14 -13.51
CA SER B 190 1.20 -2.35 -12.52
C SER B 190 0.93 -1.57 -11.24
N LEU B 191 1.73 -1.85 -10.21
CA LEU B 191 1.58 -1.23 -8.92
C LEU B 191 2.37 0.07 -8.82
N LYS B 192 3.07 0.41 -9.90
CA LYS B 192 3.97 1.56 -9.96
C LYS B 192 3.28 2.90 -9.66
N ASN B 193 2.15 3.15 -10.29
CA ASN B 193 1.46 4.44 -10.15
C ASN B 193 0.92 4.73 -8.76
N VAL B 194 0.60 3.68 -8.00
CA VAL B 194 0.11 3.88 -6.62
C VAL B 194 1.24 4.40 -5.72
N ILE B 195 2.48 4.04 -6.06
CA ILE B 195 3.67 4.51 -5.34
C ILE B 195 4.40 5.59 -6.14
N ILE B 207 1.88 9.71 -3.59
CA ILE B 207 1.13 8.81 -2.72
C ILE B 207 0.02 9.58 -1.99
N SER B 208 -1.22 9.16 -2.23
CA SER B 208 -2.40 9.74 -1.57
C SER B 208 -2.81 8.88 -0.37
N ARG B 209 -3.93 9.25 0.26
CA ARG B 209 -4.44 8.51 1.41
C ARG B 209 -4.94 7.11 1.05
N GLY B 210 -5.74 7.04 0.00
CA GLY B 210 -6.30 5.77 -0.47
C GLY B 210 -5.26 4.83 -1.05
N ALA B 211 -4.20 5.40 -1.63
CA ALA B 211 -3.08 4.65 -2.17
C ALA B 211 -2.24 4.01 -1.06
N PHE B 212 -1.93 4.81 -0.04
CA PHE B 212 -1.24 4.33 1.16
C PHE B 212 -2.04 3.21 1.83
N ASP B 213 -3.37 3.37 1.84
CA ASP B 213 -4.30 2.39 2.39
C ASP B 213 -4.26 1.06 1.64
N LEU B 214 -4.12 1.13 0.31
CA LEU B 214 -4.05 -0.09 -0.48
C LEU B 214 -2.83 -0.93 -0.14
N LEU B 215 -1.64 -0.32 -0.13
CA LEU B 215 -0.42 -1.04 0.24
C LEU B 215 -0.56 -1.71 1.60
N SER B 216 -1.12 -0.96 2.55
CA SER B 216 -1.32 -1.45 3.91
C SER B 216 -2.30 -2.62 3.96
N ASP B 217 -3.38 -2.53 3.18
CA ASP B 217 -4.55 -3.39 3.34
C ASP B 217 -4.61 -4.66 2.47
N ILE B 218 -4.13 -4.57 1.24
CA ILE B 218 -4.32 -5.62 0.23
C ILE B 218 -3.62 -6.95 0.53
N GLY B 219 -2.48 -6.90 1.22
CA GLY B 219 -1.79 -8.11 1.62
C GLY B 219 -2.67 -9.00 2.46
N ALA B 220 -3.20 -8.44 3.55
CA ALA B 220 -4.05 -9.18 4.48
C ALA B 220 -5.42 -9.52 3.91
N MET B 221 -5.98 -8.65 3.07
CA MET B 221 -7.25 -8.96 2.41
C MET B 221 -7.14 -10.25 1.61
N ALA B 222 -6.08 -10.33 0.80
CA ALA B 222 -5.81 -11.47 -0.06
C ALA B 222 -5.45 -12.72 0.73
N ALA B 223 -4.64 -12.54 1.77
CA ALA B 223 -4.23 -13.65 2.63
C ALA B 223 -5.42 -14.24 3.38
N SER B 224 -6.37 -13.39 3.77
CA SER B 224 -7.58 -13.80 4.49
C SER B 224 -8.52 -14.55 3.58
N ARG B 225 -8.57 -14.15 2.32
CA ARG B 225 -9.43 -14.76 1.34
C ARG B 225 -8.85 -16.10 0.90
N GLY B 226 -7.52 -16.17 0.86
CA GLY B 226 -6.80 -17.32 0.35
C GLY B 226 -6.64 -17.15 -1.15
N CYS B 227 -6.65 -15.91 -1.62
CA CYS B 227 -6.35 -15.61 -3.02
C CYS B 227 -5.00 -14.93 -3.12
N VAL B 228 -4.36 -15.04 -4.28
CA VAL B 228 -3.05 -14.44 -4.44
C VAL B 228 -3.10 -13.24 -5.39
N VAL B 229 -2.56 -12.13 -4.92
CA VAL B 229 -2.40 -10.94 -5.75
C VAL B 229 -0.92 -10.78 -6.13
N ILE B 230 -0.64 -10.93 -7.42
CA ILE B 230 0.69 -10.84 -7.97
C ILE B 230 0.81 -9.49 -8.66
N ALA B 231 1.60 -8.58 -8.07
CA ALA B 231 1.75 -7.23 -8.56
C ALA B 231 3.17 -6.95 -9.01
N SER B 232 3.31 -6.30 -10.15
CA SER B 232 4.63 -5.89 -10.65
C SER B 232 4.92 -4.47 -10.23
N LEU B 233 6.03 -4.28 -9.52
CA LEU B 233 6.44 -2.98 -9.06
C LEU B 233 7.84 -2.69 -9.56
N ASN B 234 7.98 -1.60 -10.33
CA ASN B 234 9.26 -1.25 -10.93
C ASN B 234 9.88 0.02 -10.33
N PRO B 235 11.08 -0.11 -9.71
CA PRO B 235 11.81 1.02 -9.17
C PRO B 235 12.84 1.58 -10.17
N THR B 236 14.12 1.24 -9.97
CA THR B 236 15.25 1.71 -10.78
C THR B 236 15.36 3.25 -10.85
N SER B 237 14.50 3.92 -10.08
CA SER B 237 14.42 5.39 -10.02
C SER B 237 15.71 6.03 -9.49
N ASN B 238 16.33 5.36 -8.52
CA ASN B 238 17.54 5.84 -7.85
C ASN B 238 17.36 7.15 -7.05
N ASP B 239 16.12 7.41 -6.64
CA ASP B 239 15.81 8.53 -5.74
C ASP B 239 15.50 7.97 -4.36
N ASP B 240 16.39 8.22 -3.40
CA ASP B 240 16.23 7.72 -2.03
C ASP B 240 15.06 8.36 -1.26
N LYS B 241 14.06 8.83 -2.00
CA LYS B 241 12.79 9.27 -1.44
C LYS B 241 11.66 8.38 -1.94
N ILE B 242 11.83 7.83 -3.14
CA ILE B 242 10.82 6.94 -3.73
C ILE B 242 11.29 5.47 -3.84
N VAL B 243 12.61 5.27 -3.97
CA VAL B 243 13.20 3.92 -4.09
C VAL B 243 13.22 3.18 -2.75
N GLU B 244 13.13 3.93 -1.64
CA GLU B 244 13.11 3.34 -0.30
C GLU B 244 11.68 3.20 0.23
N LEU B 245 10.71 3.56 -0.61
CA LEU B 245 9.31 3.22 -0.40
C LEU B 245 8.98 2.01 -1.29
N VAL B 246 9.81 1.80 -2.31
CA VAL B 246 9.79 0.59 -3.14
C VAL B 246 10.87 -0.37 -2.60
N LYS B 247 10.87 -0.52 -1.28
CA LYS B 247 11.89 -1.29 -0.58
C LYS B 247 11.35 -1.65 0.78
N GLU B 248 10.46 -0.80 1.30
CA GLU B 248 9.73 -1.04 2.52
C GLU B 248 8.37 -1.65 2.20
N ALA B 249 7.83 -1.29 1.05
CA ALA B 249 6.62 -1.95 0.55
C ALA B 249 6.94 -3.40 0.21
N SER B 250 8.07 -3.61 -0.47
CA SER B 250 8.53 -4.95 -0.80
C SER B 250 8.90 -5.72 0.47
N ARG B 251 9.54 -5.02 1.39
CA ARG B 251 10.01 -5.60 2.65
C ARG B 251 8.85 -6.17 3.45
N SER B 252 8.08 -5.28 4.08
CA SER B 252 7.03 -5.68 5.00
C SER B 252 5.66 -5.08 4.64
N ASN B 253 5.21 -5.42 3.43
CA ASN B 253 3.87 -5.10 2.94
C ASN B 253 3.42 -6.21 1.99
N SER B 254 4.31 -7.16 1.75
CA SER B 254 4.01 -8.29 0.89
C SER B 254 4.16 -9.59 1.67
N THR B 255 3.44 -10.62 1.23
CA THR B 255 3.57 -11.94 1.83
C THR B 255 4.71 -12.71 1.17
N SER B 256 4.74 -12.70 -0.15
CA SER B 256 5.88 -13.26 -0.90
C SER B 256 6.57 -12.16 -1.69
N LEU B 257 7.77 -12.47 -2.17
CA LEU B 257 8.56 -11.53 -2.94
C LEU B 257 9.26 -12.28 -4.06
N VAL B 258 9.12 -11.79 -5.29
CA VAL B 258 9.83 -12.38 -6.43
C VAL B 258 10.72 -11.31 -7.03
N ILE B 259 12.03 -11.52 -6.96
CA ILE B 259 13.02 -10.53 -7.38
C ILE B 259 14.03 -11.13 -8.36
N SER B 260 14.38 -10.38 -9.39
CA SER B 260 15.31 -10.83 -10.43
C SER B 260 16.76 -10.76 -9.97
N THR B 261 17.58 -11.64 -10.53
CA THR B 261 19.00 -11.73 -10.18
C THR B 261 19.88 -11.21 -11.32
N ASP B 262 21.19 -11.41 -11.14
CA ASP B 262 22.19 -10.97 -12.12
C ASP B 262 22.12 -11.82 -13.39
N VAL B 263 21.85 -13.12 -13.21
CA VAL B 263 21.69 -14.07 -14.31
C VAL B 263 20.36 -13.78 -14.99
N ASP B 264 20.40 -13.63 -16.32
CA ASP B 264 19.20 -13.29 -17.07
C ASP B 264 18.19 -14.43 -17.10
N GLY B 265 16.91 -14.08 -16.90
CA GLY B 265 15.83 -15.05 -16.88
C GLY B 265 15.71 -15.83 -15.58
N GLU B 266 16.47 -15.43 -14.56
CA GLU B 266 16.44 -16.11 -13.28
C GLU B 266 15.85 -15.21 -12.20
N TRP B 267 14.96 -15.77 -11.39
CA TRP B 267 14.28 -15.01 -10.36
C TRP B 267 14.36 -15.71 -9.02
N GLN B 268 14.32 -14.93 -7.93
CA GLN B 268 14.40 -15.49 -6.59
C GLN B 268 13.11 -15.27 -5.79
N VAL B 269 12.51 -16.37 -5.34
CA VAL B 269 11.26 -16.29 -4.61
C VAL B 269 11.48 -16.39 -3.11
N LEU B 270 10.97 -15.41 -2.37
CA LEU B 270 11.01 -15.43 -0.91
C LEU B 270 9.57 -15.46 -0.38
N THR B 271 9.11 -16.66 -0.02
CA THR B 271 7.78 -16.85 0.55
C THR B 271 7.84 -16.69 2.06
N ARG B 272 6.84 -16.02 2.60
CA ARG B 272 6.62 -15.96 4.03
C ARG B 272 5.55 -16.99 4.35
N THR B 273 5.87 -17.93 5.23
CA THR B 273 5.01 -19.11 5.44
C THR B 273 3.97 -18.97 6.56
N GLY B 274 4.04 -17.88 7.31
CA GLY B 274 3.03 -17.63 8.33
C GLY B 274 3.59 -16.88 9.51
N GLU B 275 2.67 -16.35 10.32
CA GLU B 275 3.01 -15.56 11.50
C GLU B 275 4.12 -16.18 12.35
N GLY B 276 5.29 -15.56 12.31
CA GLY B 276 6.43 -15.98 13.13
C GLY B 276 7.06 -17.30 12.75
N LEU B 277 6.80 -17.75 11.52
CA LEU B 277 7.40 -18.98 11.00
C LEU B 277 8.56 -18.64 10.06
N GLN B 278 9.26 -19.66 9.59
CA GLN B 278 10.46 -19.45 8.79
C GLN B 278 10.15 -19.14 7.33
N ALA B 279 10.61 -17.99 6.87
CA ALA B 279 10.45 -17.63 5.47
C ALA B 279 11.21 -18.58 4.54
N LEU B 280 10.51 -19.13 3.54
CA LEU B 280 11.12 -20.02 2.56
C LEU B 280 11.69 -19.31 1.33
N THR B 281 12.71 -19.92 0.72
CA THR B 281 13.27 -19.40 -0.53
C THR B 281 13.44 -20.47 -1.60
N HIS B 282 13.40 -20.05 -2.86
CA HIS B 282 13.73 -20.91 -4.00
C HIS B 282 13.93 -20.07 -5.27
N THR B 283 14.50 -20.69 -6.31
CA THR B 283 14.89 -19.98 -7.52
C THR B 283 14.11 -20.45 -8.74
N LEU B 284 13.74 -19.52 -9.60
CA LEU B 284 13.02 -19.81 -10.84
C LEU B 284 13.89 -19.60 -12.06
N GLN B 285 13.83 -20.54 -12.99
CA GLN B 285 14.45 -20.35 -14.29
C GLN B 285 13.33 -20.08 -15.31
N THR B 286 13.57 -19.17 -16.25
CA THR B 286 12.55 -18.79 -17.23
C THR B 286 13.12 -18.60 -18.63
N SER B 287 12.31 -18.85 -19.65
CA SER B 287 12.66 -18.49 -21.02
C SER B 287 11.45 -17.97 -21.79
N TYR B 288 11.72 -17.20 -22.85
CA TYR B 288 10.67 -16.63 -23.69
C TYR B 288 10.33 -17.55 -24.87
N GLY B 289 9.08 -17.46 -25.33
CA GLY B 289 8.64 -18.15 -26.54
C GLY B 289 8.15 -17.16 -27.57
N GLU B 290 7.12 -17.56 -28.31
CA GLU B 290 6.51 -16.70 -29.34
C GLU B 290 5.77 -15.51 -28.71
N HIS B 291 5.86 -14.35 -29.36
CA HIS B 291 5.25 -13.11 -28.89
C HIS B 291 5.53 -12.76 -27.43
N SER B 292 6.77 -12.97 -26.98
CA SER B 292 7.16 -12.62 -25.61
C SER B 292 6.45 -13.40 -24.49
N VAL B 293 5.81 -14.52 -24.82
CA VAL B 293 5.14 -15.33 -23.81
C VAL B 293 6.18 -16.09 -23.00
N LEU B 294 6.21 -15.84 -21.69
CA LEU B 294 7.24 -16.43 -20.83
C LEU B 294 6.83 -17.77 -20.26
N THR B 295 7.80 -18.67 -20.15
CA THR B 295 7.60 -19.98 -19.53
C THR B 295 8.51 -20.15 -18.33
N ILE B 296 7.96 -20.70 -17.25
CA ILE B 296 8.73 -21.03 -16.05
C ILE B 296 9.02 -22.54 -16.05
N HIS B 297 10.31 -22.88 -15.98
CA HIS B 297 10.77 -24.26 -16.02
C HIS B 297 10.56 -25.01 -14.71
N THR B 298 10.59 -26.33 -14.78
CA THR B 298 10.32 -27.20 -13.64
C THR B 298 11.59 -27.81 -13.05
N SER B 299 12.30 -28.58 -13.89
CA SER B 299 13.49 -29.32 -13.46
C SER B 299 14.66 -29.10 -14.41
N GLN B 313 13.16 -27.60 0.06
CA GLN B 313 13.15 -26.14 0.06
C GLN B 313 14.05 -25.56 1.17
N THR B 314 14.95 -24.65 0.77
CA THR B 314 15.91 -24.04 1.70
C THR B 314 15.27 -22.93 2.55
N VAL B 315 15.68 -22.86 3.81
CA VAL B 315 15.22 -21.84 4.75
C VAL B 315 16.20 -20.65 4.78
N ILE B 316 15.66 -19.44 4.59
CA ILE B 316 16.49 -18.24 4.54
C ILE B 316 16.38 -17.39 5.82
N LYS B 317 17.52 -17.21 6.49
CA LYS B 317 17.59 -16.44 7.73
C LYS B 317 17.64 -14.94 7.45
N ASN B 318 17.45 -14.12 8.49
CA ASN B 318 17.56 -12.66 8.36
C ASN B 318 18.98 -12.22 8.01
N ASP B 319 19.15 -10.91 7.78
CA ASP B 319 20.37 -10.32 7.17
C ASP B 319 20.66 -10.80 5.73
N GLU B 320 20.07 -11.95 5.36
CA GLU B 320 20.10 -12.43 3.99
C GLU B 320 18.95 -11.86 3.18
N LEU B 321 17.90 -11.41 3.87
CA LEU B 321 16.78 -10.71 3.23
C LEU B 321 17.22 -9.29 2.88
N GLU B 322 17.95 -8.65 3.80
CA GLU B 322 18.55 -7.33 3.58
C GLU B 322 19.61 -7.35 2.48
N SER B 323 20.41 -8.42 2.47
CA SER B 323 21.48 -8.63 1.48
C SER B 323 20.93 -8.80 0.07
N VAL B 324 19.68 -9.28 -0.03
CA VAL B 324 18.99 -9.45 -1.31
C VAL B 324 18.34 -8.13 -1.78
N LEU B 325 18.02 -7.25 -0.83
CA LEU B 325 17.44 -5.94 -1.16
C LEU B 325 18.51 -4.97 -1.67
N ARG B 326 19.20 -5.35 -2.74
CA ARG B 326 20.15 -4.50 -3.41
C ARG B 326 19.50 -3.89 -4.66
N ARG B 327 18.60 -2.94 -4.44
CA ARG B 327 17.85 -2.28 -5.52
C ARG B 327 18.27 -0.82 -5.68
N LEU B 328 19.54 -0.54 -5.39
CA LEU B 328 20.14 0.79 -5.54
C LEU B 328 21.37 0.73 -6.45
N THR B 329 22.18 -0.20 -6.35
N MET C 1 -3.48 15.43 37.65
CA MET C 1 -3.53 16.74 38.36
C MET C 1 -2.11 17.12 38.85
N ILE C 2 -1.92 18.39 39.23
CA ILE C 2 -0.63 18.82 39.80
C ILE C 2 -0.44 18.33 41.23
N HIS C 3 0.81 18.12 41.61
CA HIS C 3 1.15 17.65 42.95
C HIS C 3 2.16 18.56 43.59
N LEU C 4 1.99 18.79 44.90
CA LEU C 4 2.87 19.66 45.67
C LEU C 4 3.77 18.86 46.60
N TYR C 5 5.05 19.21 46.65
CA TYR C 5 6.01 18.48 47.48
C TYR C 5 6.89 19.38 48.33
N ASP C 6 7.36 18.84 49.44
CA ASP C 6 8.53 19.35 50.16
C ASP C 6 9.55 18.22 50.26
N ALA C 7 10.70 18.48 50.89
CA ALA C 7 11.72 17.46 51.09
C ALA C 7 11.13 16.16 51.63
N LYS C 8 10.39 16.25 52.72
CA LYS C 8 9.81 15.09 53.39
C LYS C 8 8.81 14.33 52.52
N SER C 9 7.80 15.02 51.99
CA SER C 9 6.77 14.36 51.18
C SER C 9 7.29 13.80 49.86
N PHE C 10 8.28 14.48 49.28
CA PHE C 10 8.98 13.96 48.09
C PHE C 10 9.75 12.70 48.41
N ALA C 11 10.49 12.71 49.52
CA ALA C 11 11.27 11.56 49.93
C ALA C 11 10.44 10.28 50.04
N LYS C 12 9.21 10.41 50.49
CA LYS C 12 8.36 9.24 50.66
C LYS C 12 7.60 8.82 49.39
N LEU C 13 7.49 9.74 48.43
CA LEU C 13 7.02 9.38 47.09
C LEU C 13 8.04 8.46 46.43
N ARG C 14 9.31 8.87 46.45
CA ARG C 14 10.37 8.02 45.94
C ARG C 14 10.38 6.67 46.64
N ALA C 15 10.29 6.70 47.97
CA ALA C 15 10.19 5.49 48.76
C ALA C 15 9.08 4.57 48.24
N ALA C 16 7.94 5.18 47.90
CA ALA C 16 6.76 4.44 47.44
C ALA C 16 6.92 3.97 46.01
N GLN C 17 7.51 4.81 45.18
CA GLN C 17 7.77 4.48 43.77
C GLN C 17 8.74 3.31 43.63
N TYR C 18 9.80 3.33 44.44
CA TYR C 18 10.76 2.23 44.49
C TYR C 18 10.05 0.93 44.88
N ALA C 19 9.24 0.99 45.93
CA ALA C 19 8.43 -0.15 46.38
C ALA C 19 7.51 -0.71 45.28
N ALA C 20 6.97 0.18 44.46
CA ALA C 20 6.02 -0.20 43.43
C ALA C 20 6.59 -1.19 42.43
N PHE C 21 7.90 -1.08 42.20
CA PHE C 21 8.59 -2.00 41.29
C PHE C 21 9.39 -3.09 42.00
N HIS C 22 10.11 -2.72 43.06
CA HIS C 22 11.07 -3.61 43.69
C HIS C 22 10.47 -4.61 44.69
N THR C 23 9.44 -4.19 45.42
CA THR C 23 8.94 -5.00 46.55
C THR C 23 7.47 -5.44 46.49
N ASP C 24 6.61 -4.63 45.87
CA ASP C 24 5.18 -5.01 45.75
C ASP C 24 5.00 -6.36 45.06
N ALA C 25 3.91 -7.04 45.39
CA ALA C 25 3.63 -8.33 44.78
C ALA C 25 3.46 -8.14 43.28
N PRO C 26 4.12 -8.99 42.46
CA PRO C 26 3.98 -8.87 41.01
C PRO C 26 2.53 -9.02 40.59
N GLY C 27 2.06 -8.09 39.77
CA GLY C 27 0.69 -8.11 39.26
C GLY C 27 -0.35 -7.51 40.19
N SER C 28 0.10 -7.03 41.35
CA SER C 28 -0.83 -6.57 42.37
C SER C 28 -1.46 -5.22 42.05
N TRP C 29 -0.73 -4.34 41.36
CA TRP C 29 -1.29 -3.04 40.98
C TRP C 29 -2.43 -3.21 39.96
N PHE C 30 -2.23 -4.10 38.99
CA PHE C 30 -3.28 -4.43 38.01
C PHE C 30 -4.56 -4.86 38.72
N ASP C 31 -4.40 -5.67 39.77
CA ASP C 31 -5.52 -6.15 40.57
C ASP C 31 -6.25 -5.00 41.24
N HIS C 32 -5.47 -4.09 41.81
CA HIS C 32 -6.03 -2.94 42.49
C HIS C 32 -6.85 -2.07 41.55
N THR C 33 -6.36 -1.87 40.33
CA THR C 33 -7.01 -0.97 39.39
C THR C 33 -8.21 -1.62 38.71
N SER C 34 -8.28 -2.95 38.72
CA SER C 34 -9.48 -3.65 38.26
C SER C 34 -10.62 -3.38 39.22
N GLY C 35 -10.30 -3.36 40.53
CA GLY C 35 -11.27 -3.05 41.56
C GLY C 35 -11.80 -1.63 41.45
N VAL C 36 -10.92 -0.69 41.05
CA VAL C 36 -11.29 0.71 40.91
C VAL C 36 -12.15 0.89 39.68
N LEU C 37 -11.89 0.09 38.66
CA LEU C 37 -12.71 0.08 37.45
C LEU C 37 -14.07 -0.54 37.69
N GLU C 38 -14.12 -1.58 38.52
CA GLU C 38 -15.38 -2.25 38.84
C GLU C 38 -16.29 -1.44 39.75
N SER C 39 -15.72 -0.47 40.46
CA SER C 39 -16.50 0.41 41.33
C SER C 39 -16.95 1.69 40.62
N VAL C 40 -16.86 1.69 39.29
CA VAL C 40 -17.40 2.77 38.48
C VAL C 40 -18.80 2.37 38.03
N GLU C 41 -19.74 3.32 38.13
CA GLU C 41 -21.12 3.11 37.66
C GLU C 41 -21.13 2.83 36.16
N ASP C 42 -21.96 1.86 35.75
CA ASP C 42 -22.08 1.48 34.35
C ASP C 42 -22.38 2.71 33.50
N GLY C 43 -21.86 2.74 32.28
CA GLY C 43 -22.11 3.86 31.38
C GLY C 43 -21.08 4.98 31.49
N THR C 44 -20.56 5.22 32.70
CA THR C 44 -19.53 6.22 32.94
C THR C 44 -18.27 5.91 32.12
N PRO C 45 -17.78 6.91 31.34
CA PRO C 45 -16.54 6.83 30.56
C PRO C 45 -15.31 6.65 31.45
N VAL C 46 -14.47 5.68 31.08
CA VAL C 46 -13.27 5.41 31.85
C VAL C 46 -11.99 5.58 31.04
N LEU C 47 -12.08 5.39 29.72
CA LEU C 47 -10.93 5.44 28.84
C LEU C 47 -11.26 6.10 27.51
N ALA C 48 -10.42 7.04 27.10
CA ALA C 48 -10.57 7.71 25.80
C ALA C 48 -9.29 7.58 24.99
N ILE C 49 -9.42 7.16 23.75
CA ILE C 49 -8.25 6.94 22.90
C ILE C 49 -8.42 7.51 21.49
N GLY C 50 -7.31 7.99 20.92
CA GLY C 50 -7.33 8.72 19.66
C GLY C 50 -7.49 7.84 18.44
N VAL C 51 -8.49 8.15 17.62
CA VAL C 51 -8.66 7.52 16.32
C VAL C 51 -7.79 8.24 15.28
N GLU C 52 -7.84 7.75 14.04
CA GLU C 52 -6.95 8.22 12.97
C GLU C 52 -6.96 9.74 12.75
N SER C 53 -8.14 10.35 12.84
CA SER C 53 -8.28 11.79 12.62
C SER C 53 -7.68 12.65 13.73
N GLY C 54 -7.62 12.11 14.95
CA GLY C 54 -7.26 12.88 16.13
C GLY C 54 -8.44 13.07 17.06
N ASP C 55 -9.64 12.80 16.56
CA ASP C 55 -10.82 12.66 17.41
C ASP C 55 -10.59 11.49 18.36
N ALA C 56 -11.33 11.46 19.46
CA ALA C 56 -11.16 10.39 20.45
C ALA C 56 -12.39 9.52 20.54
N ILE C 57 -12.21 8.21 20.71
CA ILE C 57 -13.32 7.33 21.05
C ILE C 57 -13.24 6.97 22.52
N VAL C 58 -14.40 6.67 23.13
CA VAL C 58 -14.49 6.51 24.57
C VAL C 58 -15.17 5.19 24.99
N PHE C 59 -14.73 4.63 26.11
CA PHE C 59 -15.19 3.31 26.55
C PHE C 59 -15.66 3.32 27.99
N ASP C 60 -16.52 2.36 28.32
CA ASP C 60 -16.92 2.12 29.71
C ASP C 60 -16.07 1.00 30.34
N LYS C 61 -16.35 0.65 31.59
CA LYS C 61 -15.59 -0.39 32.30
C LYS C 61 -15.64 -1.76 31.62
N ASN C 62 -16.66 -2.00 30.81
CA ASN C 62 -16.83 -3.28 30.13
C ASN C 62 -16.31 -3.26 28.70
N ALA C 63 -15.52 -2.25 28.37
CA ALA C 63 -14.98 -2.08 27.02
C ALA C 63 -16.06 -1.90 25.95
N GLN C 64 -17.20 -1.33 26.35
CA GLN C 64 -18.26 -0.95 25.42
C GLN C 64 -18.06 0.50 24.98
N ARG C 65 -18.11 0.72 23.67
CA ARG C 65 -17.95 2.05 23.12
C ARG C 65 -19.18 2.90 23.47
N ILE C 66 -18.94 4.11 23.96
CA ILE C 66 -20.00 5.04 24.33
C ILE C 66 -20.38 5.93 23.13
N VAL C 67 -21.69 6.09 22.89
CA VAL C 67 -22.18 6.84 21.74
C VAL C 67 -22.74 8.20 22.10
N ALA C 68 -23.37 8.29 23.26
CA ALA C 68 -23.93 9.55 23.74
C ALA C 68 -23.85 9.63 25.26
N TYR C 69 -23.28 10.71 25.76
CA TYR C 69 -23.10 10.90 27.20
C TYR C 69 -23.16 12.39 27.54
N LYS C 70 -24.18 12.77 28.30
CA LYS C 70 -24.42 14.17 28.64
C LYS C 70 -23.33 14.70 29.55
N GLU C 71 -23.00 15.98 29.39
CA GLU C 71 -21.90 16.61 30.10
C GLU C 71 -21.95 16.37 31.61
N LYS C 72 -20.88 15.78 32.14
CA LYS C 72 -20.76 15.55 33.57
C LYS C 72 -19.45 16.18 34.04
N SER C 73 -19.46 16.79 35.23
CA SER C 73 -18.30 17.49 35.76
C SER C 73 -17.86 17.00 37.15
N VAL C 74 -16.57 16.71 37.30
CA VAL C 74 -15.98 16.25 38.56
C VAL C 74 -14.87 17.18 39.03
N LYS C 75 -14.94 17.56 40.31
CA LYS C 75 -13.93 18.42 40.96
C LYS C 75 -12.80 17.60 41.60
N ALA C 76 -11.56 18.07 41.38
CA ALA C 76 -10.38 17.41 41.94
C ALA C 76 -9.95 17.99 43.29
N GLU C 77 -8.94 17.36 43.90
CA GLU C 77 -8.45 17.76 45.22
C GLU C 77 -7.60 19.04 45.14
N ASP C 78 -7.26 19.48 43.93
CA ASP C 78 -6.44 20.68 43.71
C ASP C 78 -7.21 21.83 43.06
N GLY C 79 -8.54 21.71 43.05
CA GLY C 79 -9.42 22.72 42.48
C GLY C 79 -9.35 22.79 40.96
N SER C 80 -9.57 21.65 40.32
CA SER C 80 -9.57 21.58 38.86
C SER C 80 -10.70 20.67 38.38
N VAL C 81 -11.50 21.18 37.44
CA VAL C 81 -12.70 20.47 37.01
C VAL C 81 -12.47 19.61 35.77
N SER C 82 -12.71 18.31 35.89
CA SER C 82 -12.67 17.39 34.75
C SER C 82 -14.06 17.28 34.11
N VAL C 83 -14.12 17.56 32.81
CA VAL C 83 -15.38 17.60 32.05
C VAL C 83 -15.38 16.47 31.04
N VAL C 84 -16.40 15.62 31.07
CA VAL C 84 -16.50 14.52 30.11
C VAL C 84 -17.83 14.58 29.34
N GLN C 85 -17.74 14.40 28.03
CA GLN C 85 -18.91 14.45 27.15
C GLN C 85 -18.69 13.66 25.86
N VAL C 86 -19.60 12.73 25.57
CA VAL C 86 -19.58 11.97 24.32
C VAL C 86 -20.83 12.31 23.51
N GLU C 87 -20.63 12.63 22.23
CA GLU C 87 -21.73 12.98 21.34
C GLU C 87 -21.53 12.34 19.97
N ASN C 88 -22.58 11.69 19.46
CA ASN C 88 -22.56 10.96 18.19
C ASN C 88 -21.32 10.06 18.04
N GLY C 89 -21.02 9.30 19.09
CA GLY C 89 -19.95 8.31 19.05
C GLY C 89 -18.53 8.80 19.25
N PHE C 90 -18.36 10.12 19.42
CA PHE C 90 -17.05 10.72 19.65
C PHE C 90 -17.04 11.63 20.88
N MET C 91 -15.86 11.80 21.48
CA MET C 91 -15.66 12.70 22.62
C MET C 91 -15.81 14.16 22.17
N LYS C 92 -16.55 14.94 22.95
CA LYS C 92 -16.76 16.35 22.63
C LYS C 92 -16.01 17.25 23.62
N GLN C 93 -15.93 16.81 24.88
CA GLN C 93 -15.10 17.45 25.89
C GLN C 93 -14.32 16.41 26.67
N GLY C 94 -13.04 16.69 26.96
CA GLY C 94 -12.23 15.81 27.80
C GLY C 94 -10.79 15.60 27.37
N HIS C 95 -10.23 14.46 27.75
CA HIS C 95 -8.83 14.18 27.44
C HIS C 95 -8.57 12.72 27.12
N ARG C 96 -7.56 12.49 26.30
CA ARG C 96 -7.12 11.13 25.98
C ARG C 96 -6.48 10.51 27.23
N GLY C 97 -6.72 9.22 27.43
CA GLY C 97 -6.23 8.53 28.62
C GLY C 97 -7.35 8.11 29.55
N TRP C 98 -7.02 7.88 30.82
CA TRP C 98 -8.00 7.42 31.80
C TRP C 98 -8.88 8.55 32.30
N LEU C 99 -10.18 8.40 32.10
CA LEU C 99 -11.14 9.41 32.47
C LEU C 99 -11.56 9.23 33.92
N VAL C 100 -10.94 8.25 34.58
CA VAL C 100 -11.10 8.06 36.02
C VAL C 100 -9.71 7.99 36.66
N ASP C 101 -9.66 8.31 37.95
CA ASP C 101 -8.40 8.34 38.67
C ASP C 101 -8.08 6.92 39.11
N LEU C 102 -7.00 6.36 38.54
CA LEU C 102 -6.53 5.04 38.95
C LEU C 102 -5.38 5.16 39.94
N THR C 103 -4.60 6.23 39.78
CA THR C 103 -3.31 6.38 40.46
C THR C 103 -3.37 7.23 41.73
N GLY C 104 -4.35 8.13 41.79
CA GLY C 104 -4.48 9.06 42.91
C GLY C 104 -3.20 9.85 43.10
N GLU C 105 -2.51 9.55 44.19
CA GLU C 105 -1.30 10.27 44.55
C GLU C 105 -0.04 9.50 44.20
N LEU C 106 -0.23 8.24 43.83
CA LEU C 106 0.88 7.35 43.51
C LEU C 106 1.17 7.40 42.01
N VAL C 107 2.00 8.37 41.62
CA VAL C 107 2.30 8.61 40.22
C VAL C 107 3.79 8.47 39.94
N GLY C 108 4.13 8.26 38.67
CA GLY C 108 5.52 8.11 38.25
C GLY C 108 6.10 6.74 38.58
N CYS C 109 5.26 5.72 38.62
CA CYS C 109 5.69 4.37 38.95
C CYS C 109 5.86 3.50 37.72
N SER C 110 6.65 2.43 37.86
CA SER C 110 6.61 1.32 36.92
C SER C 110 6.12 0.10 37.68
N PRO C 111 4.79 0.00 37.91
CA PRO C 111 4.29 -1.09 38.74
C PRO C 111 4.69 -2.43 38.15
N VAL C 112 5.31 -3.28 38.98
CA VAL C 112 5.75 -4.62 38.55
C VAL C 112 4.56 -5.40 37.99
N VAL C 113 4.74 -5.97 36.80
CA VAL C 113 3.66 -6.72 36.14
C VAL C 113 3.78 -8.23 36.36
N ALA C 114 5.00 -8.72 36.53
CA ALA C 114 5.26 -10.16 36.67
C ALA C 114 6.71 -10.41 37.04
N GLU C 115 6.96 -11.55 37.66
CA GLU C 115 8.32 -12.03 37.92
C GLU C 115 8.50 -13.29 37.10
N PHE C 116 9.62 -13.41 36.40
CA PHE C 116 9.90 -14.57 35.55
C PHE C 116 11.40 -14.78 35.41
N GLY C 117 11.83 -16.01 35.67
CA GLY C 117 13.26 -16.35 35.62
C GLY C 117 14.04 -15.54 36.63
N GLY C 118 13.40 -15.24 37.77
CA GLY C 118 13.99 -14.46 38.83
C GLY C 118 14.23 -12.99 38.50
N HIS C 119 13.53 -12.49 37.48
CA HIS C 119 13.57 -11.09 37.09
C HIS C 119 12.19 -10.45 37.17
N ARG C 120 12.11 -9.29 37.81
CA ARG C 120 10.88 -8.51 37.83
C ARG C 120 10.69 -7.73 36.52
N TYR C 121 9.48 -7.76 35.98
CA TYR C 121 9.20 -7.03 34.75
C TYR C 121 8.20 -5.92 35.03
N ALA C 122 8.45 -4.75 34.45
CA ALA C 122 7.61 -3.57 34.68
C ALA C 122 6.45 -3.55 33.71
N SER C 123 5.32 -3.00 34.16
CA SER C 123 4.23 -2.70 33.25
C SER C 123 4.56 -1.44 32.45
N GLY C 124 3.67 -1.12 31.51
CA GLY C 124 3.91 -0.03 30.58
C GLY C 124 4.16 -0.60 29.21
N MET C 125 4.89 0.15 28.39
CA MET C 125 5.14 -0.25 27.02
C MET C 125 6.53 -0.87 26.92
N VAL C 126 6.57 -2.12 26.49
CA VAL C 126 7.82 -2.80 26.20
C VAL C 126 7.93 -2.86 24.68
N ILE C 127 9.01 -2.29 24.14
CA ILE C 127 9.25 -2.36 22.70
C ILE C 127 10.33 -3.38 22.35
N VAL C 128 9.94 -4.36 21.54
CA VAL C 128 10.83 -5.41 21.10
C VAL C 128 11.35 -5.03 19.72
N THR C 129 12.61 -4.65 19.67
CA THR C 129 13.22 -4.12 18.45
C THR C 129 14.63 -4.65 18.23
N GLY C 130 15.26 -4.20 17.15
CA GLY C 130 16.62 -4.61 16.82
C GLY C 130 16.83 -4.83 15.35
N LYS C 131 18.00 -5.36 15.02
CA LYS C 131 18.42 -5.54 13.64
C LYS C 131 19.25 -6.82 13.59
N GLY C 132 18.99 -7.67 12.59
CA GLY C 132 19.81 -8.87 12.39
C GLY C 132 19.07 -10.20 12.39
N ASN C 133 19.80 -11.27 12.73
CA ASN C 133 19.32 -12.65 12.59
C ASN C 133 18.13 -13.10 13.47
N SER C 134 17.83 -12.32 14.52
CA SER C 134 16.80 -12.68 15.50
C SER C 134 15.40 -12.17 15.13
N GLY C 135 14.39 -13.00 15.38
CA GLY C 135 12.99 -12.72 15.01
C GLY C 135 12.11 -12.22 16.14
N LYS C 136 11.45 -11.09 15.92
CA LYS C 136 10.74 -10.36 16.96
C LYS C 136 9.43 -11.02 17.37
N THR C 137 8.65 -11.45 16.38
CA THR C 137 7.32 -12.02 16.62
C THR C 137 7.32 -13.24 17.56
N PRO C 138 8.19 -14.24 17.31
CA PRO C 138 8.26 -15.35 18.25
C PRO C 138 8.57 -14.91 19.68
N LEU C 139 9.30 -13.81 19.84
CA LEU C 139 9.69 -13.32 21.15
C LEU C 139 8.54 -12.64 21.90
N VAL C 140 7.78 -11.78 21.23
CA VAL C 140 6.65 -11.09 21.87
C VAL C 140 5.59 -12.08 22.37
N HIS C 141 5.43 -13.18 21.62
CA HIS C 141 4.55 -14.24 22.02
C HIS C 141 5.12 -15.09 23.15
N ALA C 142 6.43 -15.32 23.12
CA ALA C 142 7.10 -16.09 24.17
C ALA C 142 7.11 -15.30 25.46
N LEU C 143 7.39 -14.00 25.35
CA LEU C 143 7.47 -13.12 26.49
C LEU C 143 6.06 -12.82 27.01
N GLY C 144 5.10 -12.75 26.09
CA GLY C 144 3.70 -12.62 26.46
C GLY C 144 3.26 -13.76 27.36
N GLU C 145 3.52 -15.00 26.92
CA GLU C 145 3.17 -16.18 27.69
C GLU C 145 3.84 -16.18 29.07
N ALA C 146 5.14 -15.89 29.10
CA ALA C 146 5.92 -15.95 30.32
C ALA C 146 5.45 -14.96 31.38
N LEU C 147 5.14 -13.73 30.96
CA LEU C 147 4.61 -12.71 31.88
C LEU C 147 3.13 -12.98 32.17
N GLY C 148 2.49 -13.74 31.30
CA GLY C 148 1.11 -14.15 31.51
C GLY C 148 1.01 -15.00 32.76
N GLY C 149 2.02 -15.87 32.97
CA GLY C 149 2.07 -16.81 34.09
C GLY C 149 0.85 -17.71 34.15
N LYS C 150 0.05 -17.53 35.21
CA LYS C 150 -1.20 -18.26 35.38
C LYS C 150 -2.28 -17.79 34.41
N ASP C 151 -2.13 -16.57 33.89
CA ASP C 151 -3.14 -15.96 33.00
C ASP C 151 -2.79 -16.10 31.52
N LYS C 152 -3.84 -16.22 30.71
CA LYS C 152 -3.72 -16.07 29.27
C LYS C 152 -3.29 -14.62 28.94
N TYR C 153 -2.69 -14.42 27.77
CA TYR C 153 -2.34 -13.07 27.31
C TYR C 153 -3.14 -12.66 26.09
N ALA C 154 -3.36 -11.36 25.92
CA ALA C 154 -4.13 -10.87 24.79
C ALA C 154 -3.20 -10.57 23.62
N THR C 155 -3.68 -10.84 22.41
CA THR C 155 -2.91 -10.61 21.20
C THR C 155 -3.69 -9.71 20.24
N VAL C 156 -3.26 -8.46 20.17
CA VAL C 156 -3.76 -7.52 19.17
C VAL C 156 -2.93 -7.68 17.91
N ARG C 157 -3.58 -7.95 16.79
CA ARG C 157 -2.88 -8.09 15.50
C ARG C 157 -3.19 -6.95 14.55
N PHE C 158 -2.13 -6.27 14.09
CA PHE C 158 -2.29 -5.13 13.21
C PHE C 158 -1.18 -4.97 12.19
N GLY C 159 -1.59 -4.81 10.92
CA GLY C 159 -0.74 -4.33 9.85
C GLY C 159 0.34 -5.27 9.37
N GLU C 160 -0.06 -6.49 9.04
CA GLU C 160 0.83 -7.49 8.44
C GLU C 160 0.08 -8.23 7.34
N PRO C 161 0.79 -8.62 6.27
CA PRO C 161 0.09 -9.21 5.13
C PRO C 161 -0.21 -10.70 5.34
N LEU C 162 -0.90 -11.01 6.44
CA LEU C 162 -1.24 -12.38 6.80
C LEU C 162 -2.74 -12.50 7.08
N SER C 163 -3.28 -13.71 6.93
CA SER C 163 -4.70 -13.93 7.10
C SER C 163 -5.19 -13.45 8.47
N GLY C 164 -6.32 -12.79 8.50
CA GLY C 164 -6.95 -12.40 9.75
C GLY C 164 -6.50 -11.06 10.31
N TYR C 165 -5.34 -10.58 9.88
CA TYR C 165 -4.80 -9.31 10.37
C TYR C 165 -5.64 -8.13 9.95
N ASN C 166 -6.00 -7.30 10.93
CA ASN C 166 -6.67 -6.04 10.69
C ASN C 166 -5.69 -4.95 10.25
N THR C 167 -6.11 -4.11 9.31
CA THR C 167 -5.23 -3.08 8.77
C THR C 167 -5.81 -1.67 8.97
N ASP C 168 -6.97 -1.62 9.60
CA ASP C 168 -7.64 -0.37 9.94
C ASP C 168 -7.21 0.11 11.33
N PHE C 169 -6.66 1.32 11.38
CA PHE C 169 -6.14 1.92 12.63
C PHE C 169 -7.21 2.13 13.71
N ASN C 170 -8.44 2.42 13.29
CA ASN C 170 -9.53 2.63 14.22
C ASN C 170 -9.99 1.34 14.88
N VAL C 171 -9.93 0.23 14.15
CA VAL C 171 -10.23 -1.06 14.73
C VAL C 171 -9.10 -1.40 15.69
N PHE C 172 -7.88 -1.05 15.29
CA PHE C 172 -6.70 -1.25 16.09
C PHE C 172 -6.81 -0.62 17.49
N VAL C 173 -7.18 0.66 17.55
CA VAL C 173 -7.27 1.33 18.86
C VAL C 173 -8.42 0.77 19.70
N ASP C 174 -9.50 0.38 19.03
CA ASP C 174 -10.61 -0.30 19.67
C ASP C 174 -10.16 -1.62 20.31
N ASP C 175 -9.16 -2.25 19.70
CA ASP C 175 -8.56 -3.47 20.25
C ASP C 175 -7.81 -3.16 21.53
N ILE C 176 -6.88 -2.20 21.44
CA ILE C 176 -6.01 -1.83 22.56
C ILE C 176 -6.82 -1.44 23.79
N ALA C 177 -7.87 -0.66 23.57
CA ALA C 177 -8.77 -0.25 24.63
C ALA C 177 -9.26 -1.49 25.38
N ARG C 178 -10.00 -2.35 24.67
CA ARG C 178 -10.50 -3.60 25.25
C ARG C 178 -9.41 -4.37 26.02
N ALA C 179 -8.26 -4.56 25.41
CA ALA C 179 -7.14 -5.30 26.01
C ALA C 179 -6.65 -4.71 27.35
N MET C 180 -6.44 -3.41 27.39
CA MET C 180 -5.98 -2.73 28.59
C MET C 180 -7.06 -2.72 29.65
N LEU C 181 -8.32 -2.67 29.21
CA LEU C 181 -9.47 -2.66 30.11
C LEU C 181 -9.75 -4.01 30.73
N GLN C 182 -9.20 -5.08 30.13
CA GLN C 182 -9.58 -6.44 30.52
C GLN C 182 -8.45 -7.46 30.74
N HIS C 183 -7.21 -7.07 30.47
CA HIS C 183 -6.11 -8.03 30.55
C HIS C 183 -4.81 -7.40 31.01
N ARG C 184 -4.06 -8.16 31.81
CA ARG C 184 -2.80 -7.71 32.35
C ARG C 184 -1.66 -7.77 31.33
N VAL C 185 -1.63 -8.83 30.51
CA VAL C 185 -0.60 -8.96 29.48
C VAL C 185 -1.19 -8.84 28.07
N ILE C 186 -0.72 -7.84 27.32
CA ILE C 186 -1.19 -7.57 25.97
C ILE C 186 -0.02 -7.63 25.00
N VAL C 187 -0.24 -8.22 23.84
CA VAL C 187 0.77 -8.25 22.78
C VAL C 187 0.24 -7.53 21.55
N ILE C 188 1.04 -6.60 21.02
CA ILE C 188 0.72 -5.93 19.77
C ILE C 188 1.69 -6.39 18.70
N ASP C 189 1.13 -6.94 17.63
CA ASP C 189 1.91 -7.40 16.51
C ASP C 189 1.23 -6.97 15.23
N SER C 190 1.78 -5.98 14.53
CA SER C 190 2.99 -5.28 14.99
C SER C 190 2.75 -3.76 15.05
N LEU C 191 3.71 -3.06 15.65
CA LEU C 191 3.65 -1.60 15.77
C LEU C 191 4.19 -0.88 14.54
N LYS C 192 4.70 -1.65 13.58
CA LYS C 192 5.37 -1.12 12.38
C LYS C 192 4.50 -0.15 11.57
N ASN C 193 3.26 -0.53 11.29
CA ASN C 193 2.41 0.28 10.44
C ASN C 193 2.01 1.63 11.01
N VAL C 194 1.98 1.74 12.34
CA VAL C 194 1.65 3.03 12.97
C VAL C 194 2.79 4.04 12.75
N ILE C 195 4.01 3.53 12.60
CA ILE C 195 5.19 4.35 12.32
C ILE C 195 5.61 4.24 10.85
N ILE C 207 2.82 8.63 9.24
CA ILE C 207 2.36 8.91 10.59
C ILE C 207 1.24 9.95 10.57
N SER C 208 0.06 9.56 11.08
CA SER C 208 -1.09 10.46 11.18
C SER C 208 -1.20 11.06 12.59
N ARG C 209 -2.24 11.83 12.83
CA ARG C 209 -2.46 12.44 14.15
C ARG C 209 -2.75 11.40 15.23
N GLY C 210 -3.68 10.49 14.93
CA GLY C 210 -4.08 9.43 15.87
C GLY C 210 -3.00 8.41 16.13
N ALA C 211 -2.13 8.20 15.15
CA ALA C 211 -0.97 7.31 15.28
C ALA C 211 0.09 7.91 16.19
N PHE C 212 0.41 9.18 15.96
CA PHE C 212 1.33 9.94 16.82
C PHE C 212 0.83 9.95 18.27
N ASP C 213 -0.49 10.09 18.43
CA ASP C 213 -1.15 10.06 19.74
C ASP C 213 -1.01 8.73 20.46
N LEU C 214 -1.04 7.63 19.71
CA LEU C 214 -0.87 6.31 20.31
C LEU C 214 0.51 6.12 20.90
N LEU C 215 1.56 6.39 20.13
CA LEU C 215 2.93 6.33 20.66
C LEU C 215 3.08 7.16 21.94
N SER C 216 2.55 8.37 21.92
CA SER C 216 2.63 9.26 23.06
C SER C 216 1.88 8.72 24.26
N ASP C 217 0.69 8.15 24.02
CA ASP C 217 -0.28 7.87 25.09
C ASP C 217 -0.21 6.47 25.71
N ILE C 218 0.10 5.46 24.89
CA ILE C 218 -0.06 4.05 25.30
C ILE C 218 0.88 3.60 26.42
N GLY C 219 2.05 4.22 26.52
CA GLY C 219 3.00 3.88 27.56
C GLY C 219 2.39 4.13 28.92
N ALA C 220 1.91 5.36 29.12
CA ALA C 220 1.34 5.81 30.39
C ALA C 220 -0.01 5.16 30.69
N MET C 221 -0.82 4.92 29.66
CA MET C 221 -2.10 4.24 29.84
C MET C 221 -1.88 2.89 30.51
N ALA C 222 -0.94 2.13 29.94
CA ALA C 222 -0.60 0.78 30.39
C ALA C 222 0.08 0.78 31.76
N ALA C 223 1.01 1.72 31.96
CA ALA C 223 1.69 1.87 33.23
C ALA C 223 0.73 2.27 34.34
N SER C 224 -0.29 3.06 34.02
CA SER C 224 -1.29 3.49 35.01
C SER C 224 -2.24 2.35 35.37
N ARG C 225 -2.51 1.49 34.40
CA ARG C 225 -3.39 0.35 34.59
C ARG C 225 -2.66 -0.72 35.36
N GLY C 226 -1.34 -0.81 35.14
CA GLY C 226 -0.50 -1.86 35.68
C GLY C 226 -0.59 -3.06 34.77
N CYS C 227 -0.89 -2.84 33.49
CA CYS C 227 -0.84 -3.92 32.50
C CYS C 227 0.33 -3.67 31.58
N VAL C 228 0.83 -4.72 30.95
CA VAL C 228 1.98 -4.58 30.08
C VAL C 228 1.63 -4.78 28.60
N VAL C 229 2.02 -3.80 27.80
CA VAL C 229 1.86 -3.88 26.34
C VAL C 229 3.22 -4.17 25.69
N ILE C 230 3.33 -5.36 25.10
CA ILE C 230 4.55 -5.82 24.45
C ILE C 230 4.37 -5.71 22.95
N ALA C 231 5.06 -4.76 22.34
CA ALA C 231 4.91 -4.46 20.93
C ALA C 231 6.18 -4.72 20.16
N SER C 232 6.05 -5.38 19.01
CA SER C 232 7.19 -5.63 18.13
C SER C 232 7.29 -4.53 17.09
N LEU C 233 8.44 -3.87 17.05
CA LEU C 233 8.69 -2.80 16.10
C LEU C 233 9.93 -3.11 15.29
N ASN C 234 9.76 -3.20 13.97
CA ASN C 234 10.87 -3.56 13.09
C ASN C 234 11.35 -2.41 12.20
N PRO C 235 12.61 -1.98 12.37
CA PRO C 235 13.21 -0.95 11.54
C PRO C 235 13.97 -1.52 10.33
N THR C 236 15.31 -1.58 10.45
CA THR C 236 16.23 -2.07 9.40
C THR C 236 16.07 -1.32 8.06
N SER C 237 15.21 -0.29 8.07
CA SER C 237 14.89 0.51 6.90
C SER C 237 16.11 1.27 6.36
N ASN C 238 16.96 1.73 7.27
CA ASN C 238 18.16 2.51 6.93
C ASN C 238 17.87 3.88 6.29
N ASP C 239 16.67 4.42 6.54
CA ASP C 239 16.31 5.77 6.13
C ASP C 239 16.29 6.66 7.35
N ASP C 240 17.25 7.59 7.44
CA ASP C 240 17.36 8.50 8.58
C ASP C 240 16.21 9.51 8.69
N LYS C 241 15.06 9.16 8.14
CA LYS C 241 13.82 9.90 8.33
C LYS C 241 12.80 9.05 9.06
N ILE C 242 12.90 7.73 8.89
CA ILE C 242 11.99 6.79 9.56
C ILE C 242 12.68 5.92 10.62
N VAL C 243 13.99 5.66 10.43
CA VAL C 243 14.77 4.85 11.37
C VAL C 243 15.11 5.61 12.67
N GLU C 244 15.04 6.94 12.62
CA GLU C 244 15.30 7.78 13.79
C GLU C 244 14.00 8.20 14.50
N LEU C 245 12.88 7.69 13.99
CA LEU C 245 11.61 7.73 14.70
C LEU C 245 11.36 6.36 15.34
N VAL C 246 12.06 5.35 14.80
CA VAL C 246 12.14 4.01 15.39
C VAL C 246 13.41 3.95 16.23
N LYS C 247 13.64 5.00 17.01
CA LYS C 247 14.86 5.17 17.77
C LYS C 247 14.58 6.15 18.90
N GLU C 248 13.65 7.06 18.62
CA GLU C 248 13.14 7.99 19.61
C GLU C 248 11.88 7.43 20.26
N ALA C 249 11.11 6.67 19.49
CA ALA C 249 9.99 5.93 20.05
C ALA C 249 10.50 4.87 21.02
N SER C 250 11.55 4.16 20.61
CA SER C 250 12.18 3.16 21.46
C SER C 250 12.85 3.82 22.67
N ARG C 251 13.50 4.94 22.42
CA ARG C 251 14.22 5.71 23.43
C ARG C 251 13.30 6.14 24.56
N SER C 252 12.46 7.15 24.30
CA SER C 252 11.63 7.76 25.33
C SER C 252 10.14 7.79 24.96
N ASN C 253 9.59 6.61 24.72
CA ASN C 253 8.15 6.38 24.49
C ASN C 253 7.76 5.02 25.06
N SER C 254 8.76 4.28 25.52
CA SER C 254 8.56 2.96 26.09
C SER C 254 9.03 2.95 27.52
N THR C 255 8.45 2.06 28.33
CA THR C 255 8.87 1.87 29.71
C THR C 255 10.04 0.87 29.77
N SER C 256 9.90 -0.24 29.07
CA SER C 256 11.00 -1.19 28.93
C SER C 256 11.36 -1.35 27.47
N LEU C 257 12.52 -1.92 27.22
CA LEU C 257 13.02 -2.10 25.88
C LEU C 257 13.68 -3.46 25.78
N VAL C 258 13.31 -4.27 24.78
CA VAL C 258 13.96 -5.55 24.56
C VAL C 258 14.56 -5.55 23.18
N ILE C 259 15.88 -5.63 23.12
CA ILE C 259 16.61 -5.50 21.85
C ILE C 259 17.58 -6.67 21.62
N SER C 260 17.64 -7.17 20.38
CA SER C 260 18.49 -8.32 20.05
C SER C 260 19.95 -7.94 19.92
N THR C 261 20.83 -8.90 20.19
CA THR C 261 22.27 -8.69 20.13
C THR C 261 22.90 -9.40 18.93
N ASP C 262 24.24 -9.38 18.88
CA ASP C 262 24.99 -10.03 17.82
C ASP C 262 24.91 -11.55 17.91
N VAL C 263 24.87 -12.07 19.15
CA VAL C 263 24.71 -13.49 19.42
C VAL C 263 23.27 -13.88 19.12
N ASP C 264 23.10 -14.93 18.31
CA ASP C 264 21.77 -15.38 17.91
C ASP C 264 20.97 -15.98 19.07
N GLY C 265 19.71 -15.57 19.17
CA GLY C 265 18.82 -16.05 20.22
C GLY C 265 19.03 -15.35 21.57
N GLU C 266 19.84 -14.29 21.58
CA GLU C 266 20.10 -13.55 22.79
C GLU C 266 19.53 -12.13 22.72
N TRP C 267 18.84 -11.72 23.78
CA TRP C 267 18.19 -10.42 23.80
C TRP C 267 18.57 -9.66 25.05
N GLN C 268 18.55 -8.34 24.97
CA GLN C 268 18.91 -7.49 26.09
C GLN C 268 17.74 -6.65 26.57
N VAL C 269 17.39 -6.80 27.84
CA VAL C 269 16.26 -6.11 28.42
C VAL C 269 16.69 -4.88 29.22
N LEU C 270 16.16 -3.72 28.85
CA LEU C 270 16.38 -2.50 29.61
C LEU C 270 15.05 -2.04 30.22
N THR C 271 14.86 -2.35 31.51
CA THR C 271 13.68 -1.92 32.26
C THR C 271 13.91 -0.54 32.89
N ARG C 272 12.89 0.29 32.81
CA ARG C 272 12.86 1.55 33.52
C ARG C 272 12.03 1.31 34.78
N THR C 273 12.61 1.58 35.94
CA THR C 273 12.01 1.16 37.21
C THR C 273 11.13 2.22 37.87
N GLY C 274 11.14 3.44 37.34
CA GLY C 274 10.26 4.47 37.85
C GLY C 274 10.81 5.86 37.67
N GLU C 275 9.95 6.85 37.87
CA GLU C 275 10.31 8.26 37.74
C GLU C 275 11.62 8.62 38.43
N GLY C 276 12.65 8.87 37.63
CA GLY C 276 13.95 9.32 38.14
C GLY C 276 14.72 8.28 38.94
N LEU C 277 14.38 7.01 38.76
CA LEU C 277 15.08 5.91 39.39
C LEU C 277 16.03 5.27 38.38
N GLN C 278 16.82 4.32 38.85
CA GLN C 278 17.84 3.69 38.01
C GLN C 278 17.26 2.63 37.08
N ALA C 279 17.48 2.81 35.79
CA ALA C 279 17.07 1.81 34.80
C ALA C 279 17.85 0.51 34.94
N LEU C 280 17.14 -0.61 35.06
CA LEU C 280 17.76 -1.93 35.19
C LEU C 280 18.01 -2.63 33.86
N THR C 281 19.03 -3.49 33.83
CA THR C 281 19.32 -4.30 32.64
C THR C 281 19.52 -5.78 32.97
N HIS C 282 19.23 -6.64 31.99
CA HIS C 282 19.54 -8.07 32.04
C HIS C 282 19.42 -8.72 30.66
N THR C 283 19.94 -9.94 30.54
CA THR C 283 20.04 -10.62 29.24
C THR C 283 19.22 -11.89 29.19
N LEU C 284 18.57 -12.10 28.06
CA LEU C 284 17.72 -13.27 27.84
C LEU C 284 18.37 -14.23 26.86
N GLN C 285 18.31 -15.53 27.16
CA GLN C 285 18.72 -16.56 26.22
C GLN C 285 17.46 -17.25 25.74
N THR C 286 17.41 -17.59 24.46
CA THR C 286 16.22 -18.20 23.86
C THR C 286 16.55 -19.31 22.87
N SER C 287 15.64 -20.27 22.72
CA SER C 287 15.75 -21.28 21.67
C SER C 287 14.38 -21.65 21.12
N TYR C 288 14.35 -22.14 19.89
CA TYR C 288 13.12 -22.54 19.21
C TYR C 288 12.79 -24.01 19.45
N GLY C 289 11.49 -24.33 19.40
CA GLY C 289 11.04 -25.71 19.45
C GLY C 289 10.25 -26.06 18.21
N GLU C 290 9.22 -26.88 18.38
CA GLU C 290 8.33 -27.27 17.28
C GLU C 290 7.48 -26.08 16.80
N HIS C 291 7.29 -26.01 15.48
CA HIS C 291 6.52 -24.94 14.80
C HIS C 291 6.92 -23.52 15.22
N SER C 292 8.22 -23.27 15.35
CA SER C 292 8.73 -21.93 15.65
C SER C 292 8.32 -21.35 17.01
N VAL C 293 7.85 -22.21 17.92
CA VAL C 293 7.48 -21.75 19.25
C VAL C 293 8.75 -21.49 20.06
N LEU C 294 8.94 -20.26 20.50
CA LEU C 294 10.15 -19.88 21.20
C LEU C 294 10.05 -20.08 22.72
N THR C 295 11.16 -20.45 23.33
CA THR C 295 11.25 -20.61 24.78
C THR C 295 12.34 -19.70 25.33
N ILE C 296 12.04 -19.07 26.46
CA ILE C 296 13.02 -18.26 27.16
C ILE C 296 13.56 -19.05 28.35
N HIS C 297 14.88 -19.19 28.41
CA HIS C 297 15.56 -19.98 29.43
C HIS C 297 15.67 -19.24 30.77
N THR C 298 15.91 -20.00 31.82
CA THR C 298 15.96 -19.47 33.19
C THR C 298 17.40 -19.35 33.71
N SER C 299 18.09 -20.47 33.78
CA SER C 299 19.43 -20.54 34.36
C SER C 299 20.41 -21.26 33.44
N GLN C 313 20.69 -8.07 39.81
CA GLN C 313 20.42 -7.31 38.60
C GLN C 313 21.36 -6.10 38.47
N THR C 314 22.03 -5.99 37.32
CA THR C 314 22.97 -4.90 37.07
C THR C 314 22.28 -3.59 36.72
N VAL C 315 22.84 -2.49 37.21
CA VAL C 315 22.36 -1.13 36.93
C VAL C 315 23.11 -0.53 35.73
N ILE C 316 22.36 -0.05 34.74
CA ILE C 316 22.95 0.52 33.52
C ILE C 316 22.89 2.06 33.49
N LYS C 317 24.05 2.70 33.43
CA LYS C 317 24.15 4.17 33.40
C LYS C 317 23.90 4.71 31.99
N ASN C 318 23.72 6.02 31.88
CA ASN C 318 23.56 6.68 30.58
C ASN C 318 24.83 6.56 29.72
N ASP C 319 24.73 7.04 28.47
CA ASP C 319 25.74 6.80 27.41
C ASP C 319 25.92 5.31 27.03
N GLU C 320 25.47 4.43 27.93
CA GLU C 320 25.41 3.00 27.63
C GLU C 320 24.06 2.64 27.00
N LEU C 321 23.07 3.50 27.19
CA LEU C 321 21.77 3.35 26.52
C LEU C 321 21.90 3.78 25.06
N GLU C 322 22.63 4.87 24.84
CA GLU C 322 22.96 5.36 23.49
C GLU C 322 23.85 4.38 22.73
N SER C 323 24.82 3.79 23.44
CA SER C 323 25.75 2.82 22.88
C SER C 323 25.06 1.52 22.44
N VAL C 324 23.92 1.23 23.05
CA VAL C 324 23.08 0.07 22.70
C VAL C 324 22.16 0.37 21.50
N LEU C 325 21.82 1.64 21.31
CA LEU C 325 20.98 2.05 20.18
C LEU C 325 21.80 2.11 18.87
N ARG C 326 22.39 0.98 18.51
CA ARG C 326 23.09 0.83 17.24
C ARG C 326 22.18 0.09 16.25
N ARG C 327 21.16 0.81 15.76
CA ARG C 327 20.18 0.25 14.82
C ARG C 327 20.31 0.87 13.43
N LEU C 328 21.55 1.23 13.07
CA LEU C 328 21.88 1.78 11.75
C LEU C 328 22.97 0.95 11.07
N THR C 329 23.93 0.52 11.71
#